data_5TD8
#
_entry.id   5TD8
#
_cell.length_a   226.825
_cell.length_b   226.825
_cell.length_c   237.270
_cell.angle_alpha   90.00
_cell.angle_beta   90.00
_cell.angle_gamma   90.00
#
_symmetry.space_group_name_H-M   'I 41 2 2'
#
loop_
_entity.id
_entity.type
_entity.pdbx_description
1 polymer 'Kinetochore protein NDC80'
2 polymer 'Kinetochore protein NUF2'
3 polymer 'Kinetochore protein SPC24'
4 polymer 'Kinetochore protein SPC25'
5 polymer nanobody
6 non-polymer 'MERCURY (II) ION'
#
loop_
_entity_poly.entity_id
_entity_poly.type
_entity_poly.pdbx_seq_one_letter_code
_entity_poly.pdbx_strand_id
1 'polypeptide(L)'
;SNARDPRPLRDKNFQSAIQEEIYDYLKKNKFDIETNHPISIKFLKQPTQKGFIIIFKWLYLRLDPGYGFTKSIENEIYQI
LKNLRYPFLESINKSQISAVGGSNWHKFLGMLHWMVRTNIKLDMCLNKVDRSLINQNTQEITILSQPLKTLDEQDQRQER
YELMVEKLLIDYFTESYKSFLKLEDNYEPSMQELKLGFEKFVHIINTDVTSTELKLEELKVDLNRKRYKLHQQVIHVIDI
TSKFKINIQSSLENSENELGNVIEELRNLEFETEHNVTN
;
A
2 'polypeptide(L)'
;MSRNQDVFPILDLQELVICLQSCDFALATQENISRPTSDYMVTLYKQIIENFMGISVESLLNSSNQETGDGHLQEENENI
YLDTLNVLVLNKICFKFFENIGVQDFNMTDLYKPEAQRTQRLLSAVVNYARFREERMFDCNSFILQMESLLGQINKLNDE
IKQLQKDFEVEVKEIEIEYSLLSGHINKYMNEMLEYMQ
;
B
3 'polypeptide(L)'
;MSQKDNLLDNPVEFLKEVRESFDIQQDVDAMKRIRHDLDVIKEESEARISKEHSKVSESNKKLKLYRSLGVILDLENDQV
LINRKNDGNIDILPLDNNLSDFYKTKYIWERLGK
;
C
4 'polypeptide(L)'
;MASIDAFSDLERRMDGFQKDVAQVLARQQNHARQQLQQFQAEMRQVALYERLLQLRVLPGASDVHDVRFVFGDDSRCWIE
VAMHGDHVIGNSHPALDPKSRATLEHVLTVQGDLAAFLVVARDMLLASL
;
D
5 'polypeptide(L)'
;MQVQLVESGGGLVHPGGSLRLSCAASGRTGSRHAVAWFRQAPGKERDFVASINAVGLVRNYADSVLGRFSISRDFAKNEV
YLQMNSLEPEDTAVYYCAARYYSGTYSSTYDRDDYDYWGQGTQVTVSSGGGLPETGGLEHHHHHH
;
E
#
# COMPACT_ATOMS: atom_id res chain seq x y z
N ASP A 5 60.46 35.71 0.76
CA ASP A 5 61.81 35.17 0.80
C ASP A 5 61.87 33.83 0.04
N PRO A 6 60.88 32.90 0.29
CA PRO A 6 60.65 31.78 -0.58
C PRO A 6 59.84 32.12 -1.85
N ARG A 7 60.30 33.15 -2.58
CA ARG A 7 59.62 33.56 -3.80
C ARG A 7 60.64 33.97 -4.86
N PRO A 8 60.36 33.68 -6.14
CA PRO A 8 61.24 34.16 -7.22
C PRO A 8 61.11 35.67 -7.42
N LEU A 9 61.65 36.45 -6.48
CA LEU A 9 61.56 37.89 -6.57
C LEU A 9 62.43 38.44 -7.69
N ARG A 10 63.59 37.84 -7.91
CA ARG A 10 64.51 38.32 -8.94
C ARG A 10 64.13 37.86 -10.33
N ASP A 11 63.28 36.84 -10.45
CA ASP A 11 62.85 36.39 -11.77
C ASP A 11 62.06 37.50 -12.47
N LYS A 12 62.49 37.83 -13.69
CA LYS A 12 61.87 38.95 -14.40
C LYS A 12 60.42 38.67 -14.77
N ASN A 13 60.08 37.42 -15.09
CA ASN A 13 58.69 37.09 -15.39
C ASN A 13 57.81 37.25 -14.16
N PHE A 14 58.23 36.68 -13.03
CA PHE A 14 57.51 36.88 -11.78
C PHE A 14 57.31 38.37 -11.50
N GLN A 15 58.41 39.14 -11.55
CA GLN A 15 58.31 40.58 -11.35
C GLN A 15 57.28 41.21 -12.28
N SER A 16 57.28 40.81 -13.55
CA SER A 16 56.33 41.38 -14.51
C SER A 16 54.89 41.09 -14.11
N ALA A 17 54.57 39.80 -13.91
CA ALA A 17 53.21 39.43 -13.53
C ALA A 17 52.76 40.18 -12.29
N ILE A 18 53.59 40.18 -11.25
CA ILE A 18 53.19 40.81 -10.00
C ILE A 18 52.98 42.31 -10.20
N GLN A 19 53.89 42.95 -10.93
CA GLN A 19 53.67 44.35 -11.29
C GLN A 19 52.30 44.54 -11.94
N GLU A 20 51.94 43.64 -12.84
CA GLU A 20 50.64 43.73 -13.51
C GLU A 20 49.51 43.69 -12.50
N GLU A 21 49.55 42.74 -11.57
CA GLU A 21 48.47 42.62 -10.60
C GLU A 21 48.39 43.87 -9.70
N ILE A 22 49.54 44.34 -9.22
CA ILE A 22 49.62 45.58 -8.46
C ILE A 22 48.88 46.66 -9.23
N TYR A 23 49.40 47.01 -10.40
CA TYR A 23 48.82 48.08 -11.21
C TYR A 23 47.31 47.88 -11.38
N ASP A 24 46.89 46.63 -11.60
CA ASP A 24 45.47 46.38 -11.85
C ASP A 24 44.62 46.72 -10.63
N TYR A 25 45.06 46.33 -9.44
CA TYR A 25 44.27 46.64 -8.25
C TYR A 25 44.27 48.13 -7.97
N LEU A 26 45.46 48.75 -7.94
CA LEU A 26 45.51 50.17 -7.62
C LEU A 26 44.69 50.99 -8.61
N LYS A 27 44.75 50.63 -9.90
CA LYS A 27 43.99 51.37 -10.91
C LYS A 27 42.50 51.10 -10.80
N LYS A 28 42.12 49.85 -10.53
CA LYS A 28 40.71 49.49 -10.45
C LYS A 28 40.02 50.25 -9.31
N ASN A 29 40.71 50.40 -8.19
CA ASN A 29 40.15 51.01 -6.98
C ASN A 29 40.35 52.52 -6.95
N LYS A 30 40.80 53.11 -8.05
CA LYS A 30 40.91 54.57 -8.17
C LYS A 30 42.02 55.13 -7.28
N PHE A 31 43.14 54.39 -7.23
CA PHE A 31 44.31 54.86 -6.49
C PHE A 31 44.75 56.24 -6.96
N ASP A 32 44.97 56.40 -8.26
CA ASP A 32 45.51 57.65 -8.78
C ASP A 32 44.53 58.81 -8.60
N ILE A 33 43.23 58.53 -8.72
CA ILE A 33 42.25 59.59 -8.52
C ILE A 33 42.17 59.98 -7.05
N GLU A 34 42.14 59.00 -6.16
CA GLU A 34 42.09 59.29 -4.73
C GLU A 34 43.36 60.01 -4.26
N THR A 35 44.51 59.69 -4.85
CA THR A 35 45.77 60.34 -4.54
C THR A 35 46.49 60.62 -5.84
N ASN A 36 46.80 61.88 -6.09
CA ASN A 36 47.28 62.34 -7.39
C ASN A 36 48.79 62.22 -7.56
N HIS A 37 49.51 61.74 -6.54
CA HIS A 37 50.95 61.60 -6.66
C HIS A 37 51.25 60.74 -7.86
N PRO A 38 50.69 59.50 -7.91
CA PRO A 38 50.79 58.66 -9.09
C PRO A 38 49.57 58.87 -9.99
N ILE A 39 49.40 60.09 -10.50
CA ILE A 39 48.33 60.37 -11.42
C ILE A 39 48.48 59.51 -12.67
N SER A 40 47.40 58.82 -13.04
CA SER A 40 47.39 57.96 -14.23
C SER A 40 48.62 57.04 -14.22
N ILE A 41 48.86 56.42 -13.07
CA ILE A 41 50.13 55.75 -12.82
C ILE A 41 50.15 54.44 -13.57
N LYS A 42 51.28 54.15 -14.20
CA LYS A 42 51.40 52.96 -15.02
C LYS A 42 52.75 52.32 -14.77
N PHE A 43 52.73 51.11 -14.20
CA PHE A 43 53.92 50.27 -14.14
C PHE A 43 55.18 51.03 -13.76
N LEU A 44 55.34 51.40 -12.51
CA LEU A 44 56.67 51.81 -12.09
C LEU A 44 57.55 50.57 -12.01
N LYS A 45 58.44 50.42 -12.98
CA LYS A 45 59.54 49.49 -12.89
C LYS A 45 60.82 50.15 -12.39
N GLN A 46 60.83 51.49 -12.34
CA GLN A 46 61.89 52.27 -11.72
C GLN A 46 61.16 53.28 -10.82
N PRO A 47 60.80 52.84 -9.61
CA PRO A 47 59.87 53.64 -8.79
C PRO A 47 60.53 54.90 -8.28
N THR A 48 59.82 55.74 -7.55
CA THR A 48 60.41 56.84 -6.81
C THR A 48 60.05 56.70 -5.33
N GLN A 49 61.03 56.91 -4.45
CA GLN A 49 60.82 56.68 -3.03
C GLN A 49 59.53 57.32 -2.54
N LYS A 50 59.31 58.58 -2.90
CA LYS A 50 58.09 59.29 -2.56
C LYS A 50 56.89 58.42 -2.91
N GLY A 51 56.73 58.16 -4.20
CA GLY A 51 55.63 57.33 -4.67
C GLY A 51 55.50 56.02 -3.91
N PHE A 52 56.62 55.33 -3.68
CA PHE A 52 56.57 54.11 -2.87
C PHE A 52 55.85 54.37 -1.56
N ILE A 53 56.28 55.41 -0.84
CA ILE A 53 55.63 55.76 0.42
C ILE A 53 54.14 55.99 0.20
N ILE A 54 53.78 56.66 -0.90
CA ILE A 54 52.37 56.90 -1.20
C ILE A 54 51.62 55.57 -1.26
N ILE A 55 52.08 54.66 -2.11
CA ILE A 55 51.42 53.36 -2.30
C ILE A 55 51.27 52.66 -0.95
N PHE A 56 52.37 52.52 -0.22
CA PHE A 56 52.31 51.85 1.08
C PHE A 56 51.25 52.47 1.98
N LYS A 57 51.27 53.80 2.10
CA LYS A 57 50.32 54.49 2.96
C LYS A 57 48.88 54.16 2.55
N TRP A 58 48.58 54.25 1.26
CA TRP A 58 47.24 53.95 0.77
C TRP A 58 46.83 52.52 1.12
N LEU A 59 47.63 51.55 0.67
CA LEU A 59 47.28 50.15 0.90
C LEU A 59 47.05 49.87 2.38
N TYR A 60 47.99 50.29 3.23
CA TYR A 60 47.85 50.01 4.66
C TYR A 60 46.61 50.70 5.24
N LEU A 61 46.37 51.96 4.86
CA LEU A 61 45.16 52.64 5.31
C LEU A 61 43.92 51.90 4.86
N ARG A 62 44.00 51.17 3.75
CA ARG A 62 42.89 50.30 3.35
C ARG A 62 42.81 49.07 4.24
N LEU A 63 43.95 48.53 4.67
CA LEU A 63 43.94 47.41 5.61
C LEU A 63 43.57 47.88 7.01
N ASP A 64 44.11 49.00 7.44
CA ASP A 64 43.91 49.53 8.80
C ASP A 64 43.63 51.02 8.69
N PRO A 65 42.39 51.40 8.37
CA PRO A 65 42.03 52.82 8.39
C PRO A 65 42.04 53.35 9.82
N GLY A 66 42.46 54.59 9.96
CA GLY A 66 42.60 55.21 11.26
C GLY A 66 44.02 55.28 11.77
N TYR A 67 44.92 54.45 11.24
CA TYR A 67 46.31 54.46 11.68
C TYR A 67 46.90 55.85 11.46
N GLY A 68 47.36 56.48 12.54
CA GLY A 68 48.11 57.70 12.41
C GLY A 68 49.49 57.43 11.83
N PHE A 69 49.79 58.05 10.70
CA PHE A 69 51.14 58.01 10.15
C PHE A 69 51.89 59.24 10.66
N THR A 70 53.14 59.04 11.04
CA THR A 70 53.98 60.15 11.46
C THR A 70 54.41 60.91 10.21
N LYS A 71 55.26 61.92 10.38
CA LYS A 71 55.71 62.71 9.25
C LYS A 71 56.80 62.02 8.44
N SER A 72 57.40 60.96 8.98
CA SER A 72 58.33 60.12 8.22
C SER A 72 57.81 58.69 8.33
N ILE A 73 57.33 58.14 7.21
CA ILE A 73 56.75 56.80 7.24
C ILE A 73 57.83 55.73 7.21
N GLU A 74 58.98 56.01 6.61
CA GLU A 74 60.07 55.04 6.59
C GLU A 74 60.37 54.52 7.98
N ASN A 75 60.09 55.32 9.01
CA ASN A 75 60.34 54.92 10.38
C ASN A 75 59.34 53.88 10.85
N GLU A 76 58.10 53.93 10.38
CA GLU A 76 57.04 53.04 10.86
C GLU A 76 56.88 51.77 10.05
N ILE A 77 57.52 51.66 8.87
CA ILE A 77 57.20 50.55 7.97
C ILE A 77 57.52 49.21 8.63
N TYR A 78 58.71 49.10 9.23
CA TYR A 78 59.09 47.82 9.84
C TYR A 78 58.11 47.45 10.96
N GLN A 79 57.78 48.40 11.83
CA GLN A 79 56.86 48.11 12.92
C GLN A 79 55.48 47.76 12.38
N ILE A 80 55.02 48.47 11.35
CA ILE A 80 53.74 48.15 10.72
C ILE A 80 53.73 46.70 10.25
N LEU A 81 54.80 46.30 9.56
CA LEU A 81 54.86 44.93 9.05
C LEU A 81 54.94 43.91 10.17
N LYS A 82 55.65 44.24 11.26
CA LYS A 82 55.73 43.33 12.40
C LYS A 82 54.36 43.15 13.04
N ASN A 83 53.57 44.22 13.11
CA ASN A 83 52.20 44.10 13.60
C ASN A 83 51.35 43.26 12.67
N LEU A 84 51.46 43.52 11.36
CA LEU A 84 50.74 42.73 10.36
C LEU A 84 51.18 41.27 10.33
N ARG A 85 52.27 40.92 11.01
CA ARG A 85 52.83 39.57 10.96
C ARG A 85 53.27 39.23 9.54
N TYR A 86 54.02 40.14 8.92
CA TYR A 86 54.57 39.92 7.60
C TYR A 86 55.43 38.65 7.61
N PRO A 87 55.08 37.61 6.84
CA PRO A 87 55.82 36.35 6.94
C PRO A 87 57.27 36.44 6.50
N PHE A 88 57.57 37.31 5.54
CA PHE A 88 58.92 37.47 4.99
C PHE A 88 59.73 38.50 5.75
N LEU A 89 59.22 38.99 6.88
CA LEU A 89 59.87 40.07 7.61
C LEU A 89 61.36 39.79 7.85
N GLU A 90 61.73 38.53 8.05
CA GLU A 90 63.12 38.21 8.35
C GLU A 90 64.05 38.57 7.21
N SER A 91 63.57 38.55 5.98
CA SER A 91 64.41 38.82 4.82
C SER A 91 64.66 40.30 4.60
N ILE A 92 64.09 41.15 5.45
CA ILE A 92 64.20 42.59 5.34
C ILE A 92 65.05 43.11 6.49
N ASN A 93 66.00 43.97 6.17
CA ASN A 93 66.94 44.53 7.14
C ASN A 93 66.53 45.96 7.44
N LYS A 94 66.39 46.27 8.73
CA LYS A 94 65.96 47.61 9.13
C LYS A 94 66.80 48.68 8.45
N SER A 95 68.12 48.48 8.40
CA SER A 95 69.00 49.46 7.77
C SER A 95 68.56 49.76 6.34
N GLN A 96 68.26 48.71 5.57
CA GLN A 96 67.87 48.88 4.17
C GLN A 96 66.53 49.59 4.01
N ILE A 97 65.80 49.84 5.09
CA ILE A 97 64.49 50.46 4.97
C ILE A 97 64.60 51.97 4.72
N SER A 98 65.67 52.61 5.19
CA SER A 98 65.76 54.06 5.12
C SER A 98 65.69 54.54 3.67
N ALA A 99 66.59 54.04 2.82
CA ALA A 99 66.53 54.31 1.38
C ALA A 99 66.42 52.97 0.67
N VAL A 100 65.24 52.68 0.11
CA VAL A 100 65.03 51.46 -0.65
C VAL A 100 65.17 51.66 -2.15
N GLY A 101 65.28 52.90 -2.62
CA GLY A 101 65.42 53.15 -4.04
C GLY A 101 66.72 52.65 -4.65
N GLY A 102 67.56 52.03 -3.83
CA GLY A 102 68.83 51.48 -4.27
C GLY A 102 68.75 50.02 -4.66
N SER A 103 69.81 49.29 -4.34
CA SER A 103 70.03 47.96 -4.89
C SER A 103 68.92 47.00 -4.51
N ASN A 104 68.54 46.98 -3.24
CA ASN A 104 67.71 45.93 -2.68
C ASN A 104 66.23 46.20 -2.89
N TRP A 105 65.90 47.22 -3.67
CA TRP A 105 64.50 47.42 -3.99
C TRP A 105 63.86 46.15 -4.53
N HIS A 106 64.66 45.26 -5.15
CA HIS A 106 64.11 43.99 -5.63
C HIS A 106 63.38 43.25 -4.51
N LYS A 107 63.88 43.35 -3.29
CA LYS A 107 63.15 42.83 -2.13
C LYS A 107 61.93 43.69 -1.85
N PHE A 108 62.13 45.00 -1.68
CA PHE A 108 61.03 45.88 -1.29
C PHE A 108 59.93 45.88 -2.34
N LEU A 109 60.31 45.93 -3.63
CA LEU A 109 59.32 45.75 -4.69
C LEU A 109 58.47 44.53 -4.40
N GLY A 110 59.12 43.38 -4.20
CA GLY A 110 58.37 42.18 -3.85
C GLY A 110 57.40 42.43 -2.71
N MET A 111 57.87 43.06 -1.64
CA MET A 111 57.00 43.36 -0.52
C MET A 111 55.72 44.03 -0.99
N LEU A 112 55.86 45.10 -1.78
CA LEU A 112 54.68 45.81 -2.26
C LEU A 112 53.70 44.84 -2.87
N HIS A 113 54.17 43.99 -3.78
CA HIS A 113 53.28 43.01 -4.39
C HIS A 113 52.57 42.19 -3.33
N TRP A 114 53.34 41.65 -2.38
CA TRP A 114 52.75 40.85 -1.33
C TRP A 114 51.58 41.58 -0.68
N MET A 115 51.74 42.88 -0.47
CA MET A 115 50.64 43.68 0.07
C MET A 115 49.43 43.62 -0.85
N VAL A 116 49.64 43.98 -2.13
CA VAL A 116 48.53 44.00 -3.09
C VAL A 116 47.78 42.68 -3.05
N ARG A 117 48.46 41.58 -3.39
CA ARG A 117 47.82 40.27 -3.32
C ARG A 117 47.11 40.09 -1.99
N THR A 118 47.80 40.37 -0.89
CA THR A 118 47.17 40.31 0.42
C THR A 118 45.87 41.10 0.41
N ASN A 119 45.96 42.38 0.02
CA ASN A 119 44.77 43.20 -0.12
C ASN A 119 43.72 42.50 -0.97
N ILE A 120 44.12 42.00 -2.15
CA ILE A 120 43.18 41.30 -3.02
C ILE A 120 42.38 40.31 -2.21
N LYS A 121 43.07 39.50 -1.42
CA LYS A 121 42.41 38.43 -0.70
C LYS A 121 41.61 38.98 0.48
N LEU A 122 42.15 39.99 1.16
CA LEU A 122 41.42 40.59 2.28
C LEU A 122 40.04 41.05 1.84
N ASP A 123 39.98 41.99 0.90
CA ASP A 123 38.71 42.47 0.38
C ASP A 123 37.82 41.31 -0.06
N MET A 124 38.42 40.20 -0.47
CA MET A 124 37.64 38.99 -0.75
C MET A 124 37.17 38.37 0.56
N CYS A 125 38.11 37.98 1.40
CA CYS A 125 37.80 37.36 2.69
C CYS A 125 36.70 38.11 3.43
N LEU A 126 36.79 39.44 3.48
CA LEU A 126 35.77 40.21 4.16
C LEU A 126 34.47 40.24 3.37
N ASN A 127 34.54 40.52 2.07
CA ASN A 127 33.32 40.65 1.28
C ASN A 127 32.48 39.38 1.36
N LYS A 128 33.12 38.22 1.13
CA LYS A 128 32.41 36.95 1.24
C LYS A 128 31.68 36.85 2.57
N VAL A 129 32.29 37.34 3.66
CA VAL A 129 31.62 37.36 4.95
C VAL A 129 30.39 38.26 4.89
N ASP A 130 30.58 39.51 4.46
CA ASP A 130 29.46 40.42 4.26
C ASP A 130 28.34 39.72 3.50
N ARG A 131 28.62 39.31 2.28
CA ARG A 131 27.66 38.55 1.49
C ARG A 131 27.04 37.43 2.32
N SER A 132 27.89 36.61 2.95
CA SER A 132 27.39 35.48 3.74
C SER A 132 26.34 35.95 4.74
N LEU A 133 26.63 37.03 5.47
CA LEU A 133 25.68 37.53 6.45
C LEU A 133 24.34 37.86 5.78
N ILE A 134 24.39 38.59 4.65
CA ILE A 134 23.17 38.88 3.92
C ILE A 134 22.38 37.61 3.67
N ASN A 135 23.07 36.53 3.32
CA ASN A 135 22.38 35.29 2.99
C ASN A 135 21.70 34.70 4.22
N GLN A 136 22.34 34.81 5.39
CA GLN A 136 21.77 34.22 6.59
C GLN A 136 20.59 35.03 7.12
N ASN A 137 20.53 36.32 6.78
CA ASN A 137 19.48 37.17 7.32
C ASN A 137 18.14 36.93 6.64
N THR A 138 18.15 36.53 5.36
CA THR A 138 16.93 36.09 4.68
C THR A 138 16.79 34.57 4.63
N GLN A 139 17.78 33.84 5.13
CA GLN A 139 17.78 32.38 5.13
C GLN A 139 16.43 31.78 5.53
N THR A 150 10.91 19.09 0.22
CA THR A 150 10.05 18.23 1.03
C THR A 150 10.58 18.18 2.46
N LEU A 151 9.67 18.06 3.42
CA LEU A 151 10.00 18.25 4.83
C LEU A 151 11.20 17.42 5.25
N ASP A 152 11.19 16.12 4.93
CA ASP A 152 12.30 15.25 5.32
C ASP A 152 13.61 15.72 4.70
N GLU A 153 13.59 16.05 3.41
CA GLU A 153 14.83 16.40 2.73
C GLU A 153 15.48 17.64 3.32
N GLN A 154 14.70 18.70 3.52
CA GLN A 154 15.24 19.92 4.10
C GLN A 154 15.04 19.80 5.61
N ASP A 155 16.14 19.58 6.32
CA ASP A 155 16.16 19.52 7.77
C ASP A 155 16.78 20.81 8.30
N GLN A 156 16.85 20.92 9.63
CA GLN A 156 17.61 22.01 10.23
C GLN A 156 17.00 23.37 9.96
N ARG A 157 15.91 23.44 9.17
CA ARG A 157 15.35 24.74 8.82
C ARG A 157 15.07 25.57 10.05
N GLN A 158 14.52 24.96 11.10
CA GLN A 158 14.28 25.70 12.34
C GLN A 158 15.57 26.31 12.86
N GLU A 159 16.70 25.60 12.74
CA GLU A 159 17.98 26.19 13.10
C GLU A 159 18.28 27.41 12.25
N ARG A 160 17.88 27.38 10.97
CA ARG A 160 18.12 28.53 10.10
C ARG A 160 17.22 29.70 10.45
N TYR A 161 16.00 29.44 10.93
CA TYR A 161 15.11 30.52 11.35
C TYR A 161 15.55 31.10 12.69
N GLU A 162 16.11 30.28 13.57
CA GLU A 162 16.62 30.78 14.84
C GLU A 162 17.92 31.54 14.65
N LEU A 163 18.77 31.06 13.73
CA LEU A 163 19.93 31.86 13.33
C LEU A 163 19.47 33.17 12.70
N MET A 164 18.52 33.10 11.79
CA MET A 164 17.92 34.29 11.22
C MET A 164 17.62 35.22 12.39
N VAL A 165 16.64 34.87 13.23
CA VAL A 165 16.18 35.79 14.26
C VAL A 165 17.31 36.25 15.16
N GLU A 166 18.36 35.44 15.34
CA GLU A 166 19.51 35.92 16.09
C GLU A 166 20.17 37.09 15.35
N LYS A 167 20.36 36.95 14.04
CA LYS A 167 20.99 37.98 13.24
C LYS A 167 20.04 39.09 12.82
N LEU A 168 18.72 38.85 12.88
CA LEU A 168 17.71 39.87 12.63
C LEU A 168 17.53 40.74 13.86
N LEU A 169 17.53 40.13 15.04
CA LEU A 169 17.62 40.89 16.27
C LEU A 169 18.94 41.65 16.34
N ILE A 170 20.02 41.03 15.83
CA ILE A 170 21.31 41.74 15.78
C ILE A 170 21.20 42.96 14.88
N ASP A 171 20.78 42.75 13.62
CA ASP A 171 20.61 43.87 12.70
C ASP A 171 19.74 44.96 13.32
N TYR A 172 18.58 44.56 13.86
CA TYR A 172 17.70 45.50 14.53
C TYR A 172 18.44 46.31 15.58
N PHE A 173 19.16 45.62 16.47
CA PHE A 173 19.91 46.29 17.52
C PHE A 173 20.89 47.30 16.94
N THR A 174 21.71 46.86 15.98
CA THR A 174 22.77 47.71 15.47
C THR A 174 22.21 48.95 14.79
N GLU A 175 21.18 48.79 13.97
CA GLU A 175 20.59 49.94 13.29
C GLU A 175 19.89 50.87 14.27
N SER A 176 18.98 50.31 15.07
CA SER A 176 18.28 51.11 16.07
C SER A 176 19.25 51.89 16.93
N TYR A 177 20.43 51.31 17.19
CA TYR A 177 21.46 52.02 17.94
C TYR A 177 22.08 53.12 17.11
N LYS A 178 22.44 52.81 15.87
CA LYS A 178 22.96 53.84 14.99
C LYS A 178 22.09 55.08 15.06
N SER A 179 20.77 54.90 15.03
CA SER A 179 19.87 55.99 15.35
C SER A 179 20.15 56.54 16.74
N PHE A 180 19.98 55.70 17.77
CA PHE A 180 19.99 56.16 19.16
C PHE A 180 21.16 57.10 19.44
N LEU A 181 22.34 56.80 18.90
CA LEU A 181 23.48 57.70 19.01
C LEU A 181 23.48 58.79 17.95
N LYS A 182 22.73 58.64 16.86
CA LYS A 182 22.75 59.62 15.79
C LYS A 182 22.05 60.90 16.23
N LEU A 183 22.38 61.99 15.53
CA LEU A 183 21.94 63.33 15.92
C LEU A 183 20.71 63.78 15.13
N GLU A 184 20.84 63.91 13.81
CA GLU A 184 19.81 64.57 13.02
C GLU A 184 18.52 63.77 12.97
N ASP A 185 18.60 62.44 12.85
CA ASP A 185 17.47 61.66 12.36
C ASP A 185 16.49 61.14 13.41
N ASN A 186 16.83 61.07 14.70
CA ASN A 186 16.21 60.07 15.59
C ASN A 186 14.71 60.23 15.81
N TYR A 187 14.09 61.29 15.28
CA TYR A 187 12.73 61.63 15.70
C TYR A 187 11.68 60.79 14.98
N GLU A 188 11.38 61.15 13.72
CA GLU A 188 10.38 60.39 12.98
C GLU A 188 10.88 58.99 12.60
N PRO A 189 12.07 58.85 12.00
CA PRO A 189 12.43 57.54 11.42
C PRO A 189 12.60 56.41 12.43
N SER A 190 12.64 56.69 13.74
CA SER A 190 12.95 55.63 14.71
C SER A 190 11.76 54.68 14.91
N MET A 191 10.68 55.16 15.54
CA MET A 191 9.59 54.27 15.95
C MET A 191 9.00 53.54 14.74
N GLN A 192 8.67 54.27 13.68
CA GLN A 192 8.12 53.64 12.48
C GLN A 192 9.03 52.51 12.00
N GLU A 193 10.34 52.79 11.93
CA GLU A 193 11.31 51.80 11.48
C GLU A 193 11.10 50.46 12.20
N LEU A 194 11.00 50.51 13.53
CA LEU A 194 10.76 49.30 14.30
C LEU A 194 9.55 48.55 13.76
N LYS A 195 8.37 49.16 13.84
CA LYS A 195 7.15 48.49 13.38
C LYS A 195 7.36 47.85 12.02
N LEU A 196 7.98 48.59 11.09
CA LEU A 196 8.19 48.06 9.75
C LEU A 196 9.04 46.79 9.78
N GLY A 197 10.18 46.84 10.44
CA GLY A 197 11.00 45.63 10.56
C GLY A 197 10.25 44.50 11.23
N PHE A 198 9.33 44.83 12.14
CA PHE A 198 8.58 43.81 12.87
C PHE A 198 7.56 43.11 11.97
N GLU A 199 6.95 43.85 11.05
CA GLU A 199 5.94 43.25 10.17
C GLU A 199 6.54 42.15 9.29
N LYS A 200 7.73 42.40 8.73
CA LYS A 200 8.38 41.43 7.85
C LYS A 200 8.39 40.04 8.48
N PHE A 201 8.74 39.98 9.75
CA PHE A 201 8.89 38.73 10.48
C PHE A 201 7.62 37.89 10.43
N VAL A 202 6.59 38.35 11.15
CA VAL A 202 5.33 37.61 11.21
C VAL A 202 4.84 37.32 9.81
N HIS A 203 5.04 38.26 8.88
CA HIS A 203 4.60 38.01 7.52
C HIS A 203 5.26 36.77 6.93
N ILE A 204 6.58 36.81 6.75
CA ILE A 204 7.27 35.73 6.04
C ILE A 204 6.97 34.40 6.71
N ILE A 205 7.06 34.33 8.05
CA ILE A 205 6.81 33.03 8.63
C ILE A 205 5.35 32.62 8.45
N ASN A 206 4.44 33.60 8.37
CA ASN A 206 3.06 33.27 8.03
C ASN A 206 3.00 32.62 6.66
N THR A 207 3.76 33.16 5.69
CA THR A 207 3.94 32.49 4.42
C THR A 207 4.34 31.03 4.63
N ASP A 208 5.29 30.80 5.54
CA ASP A 208 5.69 29.42 5.85
C ASP A 208 4.51 28.61 6.36
N VAL A 209 3.83 29.11 7.39
CA VAL A 209 2.73 28.38 8.01
C VAL A 209 1.74 27.92 6.96
N THR A 210 1.26 28.84 6.13
CA THR A 210 0.26 28.49 5.14
C THR A 210 0.84 27.54 4.10
N SER A 211 2.05 27.82 3.61
CA SER A 211 2.69 26.91 2.67
C SER A 211 2.66 25.48 3.20
N THR A 212 2.94 25.30 4.49
CA THR A 212 2.99 23.97 5.06
C THR A 212 1.59 23.43 5.35
N GLU A 213 0.61 24.29 5.59
CA GLU A 213 -0.78 23.82 5.64
C GLU A 213 -1.19 23.22 4.30
N LEU A 214 -0.84 23.90 3.20
CA LEU A 214 -1.17 23.40 1.88
C LEU A 214 -0.40 22.13 1.56
N LYS A 215 0.90 22.10 1.86
CA LYS A 215 1.64 20.85 1.74
C LYS A 215 0.96 19.74 2.53
N LEU A 216 0.45 20.07 3.72
CA LEU A 216 -0.20 19.08 4.55
C LEU A 216 -1.44 18.52 3.85
N GLU A 217 -2.31 19.40 3.36
CA GLU A 217 -3.56 18.93 2.80
C GLU A 217 -3.34 18.22 1.45
N GLU A 218 -2.46 18.76 0.61
CA GLU A 218 -2.19 18.07 -0.66
C GLU A 218 -1.52 16.73 -0.42
N LEU A 219 -0.67 16.64 0.62
CA LEU A 219 -0.24 15.32 1.05
C LEU A 219 -1.43 14.49 1.50
N LYS A 220 -2.43 15.13 2.12
CA LYS A 220 -3.63 14.40 2.48
C LYS A 220 -4.29 13.82 1.24
N VAL A 221 -4.24 14.54 0.12
CA VAL A 221 -4.78 13.97 -1.12
C VAL A 221 -3.84 12.94 -1.72
N ASP A 222 -2.57 12.95 -1.35
CA ASP A 222 -1.63 11.92 -1.81
C ASP A 222 -1.96 10.61 -1.08
N LEU A 223 -1.75 10.61 0.24
CA LEU A 223 -2.09 9.48 1.08
C LEU A 223 -3.57 9.10 0.99
N ASN A 224 -4.45 10.04 0.63
CA ASN A 224 -5.87 9.76 0.50
C ASN A 224 -6.21 9.12 -0.83
N ARG A 225 -5.62 9.61 -1.93
CA ARG A 225 -5.81 8.93 -3.21
C ARG A 225 -5.28 7.51 -3.12
N LYS A 226 -4.04 7.35 -2.64
CA LYS A 226 -3.48 6.01 -2.48
C LYS A 226 -4.32 5.17 -1.53
N ARG A 227 -4.69 5.74 -0.38
CA ARG A 227 -5.48 5.00 0.60
C ARG A 227 -6.80 4.53 -0.01
N TYR A 228 -7.56 5.45 -0.59
CA TYR A 228 -8.82 5.09 -1.23
C TYR A 228 -8.63 3.95 -2.21
N LYS A 229 -7.70 4.13 -3.16
CA LYS A 229 -7.42 3.07 -4.12
C LYS A 229 -7.19 1.73 -3.42
N LEU A 230 -6.39 1.76 -2.35
CA LEU A 230 -6.05 0.54 -1.63
C LEU A 230 -7.29 -0.11 -1.03
N HIS A 231 -8.03 0.64 -0.21
CA HIS A 231 -9.24 0.09 0.39
C HIS A 231 -10.20 -0.41 -0.68
N GLN A 232 -10.15 0.17 -1.88
CA GLN A 232 -10.99 -0.31 -2.97
C GLN A 232 -10.56 -1.70 -3.41
N GLN A 233 -9.26 -1.89 -3.69
CA GLN A 233 -8.82 -3.22 -4.11
C GLN A 233 -9.00 -4.25 -2.99
N VAL A 234 -8.84 -3.83 -1.73
CA VAL A 234 -9.19 -4.70 -0.61
C VAL A 234 -10.65 -5.13 -0.72
N ILE A 235 -11.55 -4.15 -0.81
CA ILE A 235 -12.98 -4.44 -0.98
C ILE A 235 -13.17 -5.46 -2.10
N HIS A 236 -12.41 -5.32 -3.18
CA HIS A 236 -12.50 -6.26 -4.29
C HIS A 236 -12.15 -7.67 -3.84
N VAL A 237 -10.98 -7.85 -3.23
CA VAL A 237 -10.55 -9.18 -2.77
C VAL A 237 -11.63 -9.79 -1.89
N ILE A 238 -12.11 -9.03 -0.90
CA ILE A 238 -13.15 -9.53 0.00
C ILE A 238 -14.33 -10.04 -0.81
N ASP A 239 -14.85 -9.20 -1.72
CA ASP A 239 -16.01 -9.56 -2.52
C ASP A 239 -15.79 -10.88 -3.27
N ILE A 240 -14.84 -10.91 -4.19
CA ILE A 240 -14.73 -12.07 -5.07
C ILE A 240 -14.32 -13.31 -4.28
N THR A 241 -13.56 -13.13 -3.20
CA THR A 241 -13.27 -14.26 -2.31
C THR A 241 -14.58 -14.85 -1.78
N SER A 242 -15.46 -13.99 -1.25
CA SER A 242 -16.75 -14.47 -0.74
C SER A 242 -17.53 -15.19 -1.82
N LYS A 243 -17.68 -14.57 -3.00
CA LYS A 243 -18.40 -15.23 -4.09
C LYS A 243 -17.79 -16.58 -4.42
N PHE A 244 -16.46 -16.68 -4.35
CA PHE A 244 -15.77 -17.93 -4.64
C PHE A 244 -16.17 -19.02 -3.67
N LYS A 245 -15.98 -18.76 -2.37
CA LYS A 245 -16.37 -19.75 -1.37
C LYS A 245 -17.84 -20.15 -1.53
N ILE A 246 -18.72 -19.15 -1.64
CA ILE A 246 -20.16 -19.43 -1.80
C ILE A 246 -20.38 -20.38 -2.97
N ASN A 247 -19.85 -20.04 -4.14
CA ASN A 247 -20.04 -20.88 -5.32
C ASN A 247 -19.61 -22.32 -5.05
N ILE A 248 -18.40 -22.49 -4.52
CA ILE A 248 -17.93 -23.84 -4.18
C ILE A 248 -18.97 -24.55 -3.33
N GLN A 249 -19.41 -23.90 -2.25
CA GLN A 249 -20.28 -24.56 -1.29
C GLN A 249 -21.62 -24.96 -1.92
N SER A 250 -22.16 -24.11 -2.79
CA SER A 250 -23.35 -24.50 -3.54
C SER A 250 -23.10 -25.77 -4.33
N SER A 251 -22.00 -25.81 -5.08
CA SER A 251 -21.68 -26.99 -5.87
C SER A 251 -21.63 -28.24 -4.99
N LEU A 252 -20.89 -28.16 -3.88
CA LEU A 252 -20.80 -29.29 -2.95
C LEU A 252 -22.18 -29.74 -2.51
N GLU A 253 -22.98 -28.81 -1.97
CA GLU A 253 -24.32 -29.13 -1.48
C GLU A 253 -25.12 -29.90 -2.53
N ASN A 254 -25.18 -29.36 -3.74
CA ASN A 254 -25.90 -30.04 -4.81
C ASN A 254 -25.40 -31.47 -5.00
N SER A 255 -24.07 -31.61 -5.13
CA SER A 255 -23.50 -32.95 -5.32
C SER A 255 -23.97 -33.90 -4.24
N GLU A 256 -23.96 -33.46 -2.98
CA GLU A 256 -24.36 -34.34 -1.90
C GLU A 256 -25.83 -34.75 -2.01
N ASN A 257 -26.71 -33.80 -2.37
CA ASN A 257 -28.14 -34.11 -2.43
C ASN A 257 -28.45 -35.12 -3.55
N GLU A 258 -27.89 -34.89 -4.74
CA GLU A 258 -28.35 -35.64 -5.92
C GLU A 258 -28.22 -37.15 -5.71
N LEU A 259 -27.03 -37.61 -5.31
CA LEU A 259 -26.84 -39.03 -5.04
C LEU A 259 -27.86 -39.53 -4.03
N GLY A 260 -28.12 -38.74 -2.97
CA GLY A 260 -29.12 -39.13 -1.99
C GLY A 260 -30.45 -39.47 -2.62
N ASN A 261 -30.94 -38.61 -3.51
CA ASN A 261 -32.22 -38.89 -4.17
C ASN A 261 -32.12 -40.13 -5.06
N VAL A 262 -31.06 -40.18 -5.90
CA VAL A 262 -30.85 -41.32 -6.77
C VAL A 262 -31.04 -42.61 -5.99
N ILE A 263 -30.37 -42.70 -4.84
CA ILE A 263 -30.53 -43.87 -3.99
C ILE A 263 -31.96 -43.98 -3.50
N GLU A 264 -32.56 -42.84 -3.13
CA GLU A 264 -33.88 -42.89 -2.51
C GLU A 264 -34.85 -43.71 -3.34
N GLU A 265 -34.84 -43.55 -4.65
CA GLU A 265 -35.87 -44.24 -5.44
C GLU A 265 -35.50 -45.66 -5.86
N LEU A 266 -34.24 -46.09 -5.71
CA LEU A 266 -33.78 -47.33 -6.32
C LEU A 266 -33.74 -48.53 -5.37
N ARG A 267 -34.04 -48.35 -4.10
CA ARG A 267 -33.88 -49.44 -3.14
C ARG A 267 -35.14 -50.26 -2.91
N ASN A 268 -36.21 -49.98 -3.64
CA ASN A 268 -37.40 -50.82 -3.56
C ASN A 268 -37.15 -52.07 -4.41
N LEU A 269 -37.06 -53.22 -3.78
CA LEU A 269 -36.83 -54.49 -4.46
C LEU A 269 -38.12 -55.30 -4.61
N GLU A 270 -39.25 -54.77 -4.18
CA GLU A 270 -40.55 -55.46 -4.27
C GLU A 270 -40.73 -56.17 -5.61
N LEU B 13 38.47 55.44 34.83
CA LEU B 13 39.04 54.10 34.87
C LEU B 13 38.24 53.18 35.78
N GLN B 14 38.03 53.60 37.03
CA GLN B 14 37.38 52.74 38.01
C GLN B 14 35.93 52.44 37.61
N GLU B 15 35.12 53.49 37.40
CA GLU B 15 33.74 53.28 37.01
C GLU B 15 33.64 52.38 35.78
N LEU B 16 34.54 52.57 34.84
CA LEU B 16 34.55 51.75 33.63
C LEU B 16 34.74 50.28 33.98
N VAL B 17 35.72 49.98 34.84
CA VAL B 17 35.97 48.59 35.24
C VAL B 17 34.76 48.03 35.97
N ILE B 18 34.14 48.83 36.84
CA ILE B 18 32.96 48.38 37.56
C ILE B 18 31.86 47.99 36.59
N CYS B 19 31.58 48.86 35.62
CA CYS B 19 30.56 48.56 34.63
C CYS B 19 30.91 47.28 33.88
N LEU B 20 32.08 47.24 33.25
CA LEU B 20 32.47 46.07 32.46
C LEU B 20 32.35 44.78 33.27
N GLN B 21 32.73 44.83 34.55
CA GLN B 21 32.57 43.64 35.40
C GLN B 21 31.10 43.32 35.62
N SER B 22 30.27 44.34 35.84
CA SER B 22 28.83 44.12 35.98
C SER B 22 28.21 43.57 34.70
N CYS B 23 28.92 43.64 33.58
CA CYS B 23 28.48 43.08 32.31
C CYS B 23 28.91 41.63 32.15
N ASP B 24 29.46 41.02 33.21
CA ASP B 24 29.99 39.67 33.17
C ASP B 24 31.23 39.56 32.30
N PHE B 25 32.02 40.63 32.25
CA PHE B 25 33.39 40.55 31.76
C PHE B 25 34.27 40.55 33.00
N ALA B 26 34.78 39.38 33.36
CA ALA B 26 35.63 39.24 34.54
C ALA B 26 37.07 39.61 34.25
N LEU B 27 37.47 39.57 32.98
CA LEU B 27 38.82 39.94 32.59
C LEU B 27 39.07 41.44 32.68
N ALA B 28 38.02 42.24 32.83
CA ALA B 28 38.18 43.69 32.93
C ALA B 28 38.60 44.05 34.34
N THR B 29 39.78 44.66 34.46
CA THR B 29 40.32 45.05 35.76
C THR B 29 41.06 46.38 35.59
N GLN B 30 41.11 47.15 36.68
CA GLN B 30 41.85 48.41 36.66
C GLN B 30 43.30 48.18 36.28
N GLU B 31 43.87 47.06 36.69
CA GLU B 31 45.29 46.80 36.43
C GLU B 31 45.56 46.61 34.94
N ASN B 32 44.77 45.76 34.28
CA ASN B 32 45.04 45.40 32.89
C ASN B 32 44.50 46.41 31.88
N ILE B 33 43.58 47.28 32.28
CA ILE B 33 43.05 48.32 31.39
C ILE B 33 43.76 49.66 31.60
N SER B 34 44.77 49.70 32.47
CA SER B 34 45.64 50.85 32.62
C SER B 34 46.80 50.73 31.63
N ARG B 35 47.83 51.57 31.80
CA ARG B 35 49.00 51.55 30.91
C ARG B 35 49.38 50.09 30.63
N PRO B 36 49.30 49.20 31.60
CA PRO B 36 49.39 47.78 31.26
C PRO B 36 48.24 47.32 30.37
N THR B 37 48.15 47.90 29.18
CA THR B 37 47.16 47.51 28.17
C THR B 37 47.93 46.77 27.10
N SER B 38 47.68 45.48 26.99
CA SER B 38 48.59 44.57 26.29
C SER B 38 47.75 43.60 25.47
N ASP B 39 48.41 42.55 24.98
CA ASP B 39 47.81 41.59 24.05
C ASP B 39 46.45 41.11 24.53
N TYR B 40 46.25 41.02 25.85
CA TYR B 40 45.00 40.53 26.39
C TYR B 40 43.80 41.30 25.85
N MET B 41 44.01 42.55 25.41
CA MET B 41 42.90 43.32 24.85
C MET B 41 42.19 42.54 23.74
N VAL B 42 42.94 41.86 22.89
CA VAL B 42 42.38 40.98 21.87
C VAL B 42 41.29 40.16 22.54
N THR B 43 41.70 39.31 23.50
CA THR B 43 40.75 38.49 24.23
C THR B 43 39.56 39.30 24.69
N LEU B 44 39.82 40.43 25.37
CA LEU B 44 38.73 41.23 25.90
C LEU B 44 37.76 41.62 24.78
N TYR B 45 38.30 42.18 23.69
CA TYR B 45 37.46 42.52 22.55
C TYR B 45 36.64 41.30 22.11
N LYS B 46 37.32 40.17 21.93
CA LYS B 46 36.64 38.95 21.52
C LYS B 46 35.49 38.64 22.47
N GLN B 47 35.70 38.83 23.77
CA GLN B 47 34.63 38.56 24.73
C GLN B 47 33.48 39.55 24.56
N ILE B 48 33.80 40.82 24.31
CA ILE B 48 32.76 41.84 24.20
C ILE B 48 31.91 41.58 22.97
N ILE B 49 32.52 41.56 21.80
CA ILE B 49 31.78 41.34 20.55
C ILE B 49 30.94 40.08 20.67
N GLU B 50 31.59 38.95 20.97
CA GLU B 50 30.89 37.68 21.07
C GLU B 50 29.67 37.79 21.98
N ASN B 51 29.76 38.59 23.04
CA ASN B 51 28.64 38.70 23.96
C ASN B 51 27.54 39.60 23.39
N PHE B 52 27.92 40.76 22.83
CA PHE B 52 26.92 41.70 22.35
C PHE B 52 26.45 41.35 20.94
N MET B 53 27.36 40.91 20.07
CA MET B 53 26.97 40.51 18.72
C MET B 53 26.52 39.06 18.65
N GLY B 54 26.49 38.35 19.77
CA GLY B 54 25.94 37.00 19.79
C GLY B 54 26.45 36.10 18.69
N ILE B 55 27.74 36.22 18.36
CA ILE B 55 28.36 35.42 17.31
C ILE B 55 29.70 34.91 17.84
N SER B 56 30.21 33.86 17.20
CA SER B 56 31.50 33.29 17.52
C SER B 56 32.55 33.81 16.53
N VAL B 57 33.65 34.35 17.06
CA VAL B 57 34.72 34.85 16.20
C VAL B 57 35.45 33.70 15.52
N GLU B 58 35.76 32.64 16.28
CA GLU B 58 36.43 31.48 15.71
C GLU B 58 35.66 30.94 14.50
N SER B 59 34.33 30.97 14.57
CA SER B 59 33.52 30.47 13.46
C SER B 59 33.70 31.35 12.23
N LEU B 60 33.55 32.66 12.37
CA LEU B 60 33.72 33.55 11.23
C LEU B 60 35.11 33.43 10.63
N LEU B 61 36.13 33.29 11.48
CA LEU B 61 37.48 33.07 10.97
C LEU B 61 37.60 31.74 10.25
N ASN B 62 36.84 30.73 10.67
CA ASN B 62 36.86 29.44 9.98
C ASN B 62 36.23 29.55 8.61
N SER B 63 35.06 30.19 8.52
CA SER B 63 34.43 30.44 7.22
C SER B 63 35.22 31.44 6.38
N SER B 64 36.19 32.14 6.97
CA SER B 64 36.99 33.10 6.23
C SER B 64 38.06 32.43 5.38
N ASN B 65 38.56 31.26 5.81
CA ASN B 65 39.75 30.65 5.22
C ASN B 65 39.45 29.57 4.18
N GLN B 66 38.19 29.30 3.87
CA GLN B 66 37.81 28.17 3.01
C GLN B 66 37.03 28.68 1.81
N GLU B 67 37.60 28.51 0.62
CA GLU B 67 36.85 28.72 -0.64
C GLU B 67 36.30 27.39 -1.13
N THR B 68 37.18 26.54 -1.67
CA THR B 68 36.80 25.20 -2.11
C THR B 68 37.89 24.24 -1.67
N GLY B 69 37.53 23.28 -0.82
CA GLY B 69 38.52 22.40 -0.23
C GLY B 69 38.51 20.96 -0.71
N ASP B 70 37.59 20.58 -1.59
CA ASP B 70 37.48 19.18 -1.99
C ASP B 70 38.61 18.79 -2.93
N GLY B 71 38.59 19.32 -4.15
CA GLY B 71 39.56 18.93 -5.16
C GLY B 71 40.95 19.53 -5.06
N HIS B 72 41.05 20.85 -4.94
CA HIS B 72 42.33 21.55 -5.04
C HIS B 72 42.78 22.00 -3.66
N LEU B 73 44.01 21.65 -3.29
CA LEU B 73 44.60 22.13 -2.05
C LEU B 73 45.79 23.03 -2.39
N GLN B 74 45.56 24.33 -2.37
CA GLN B 74 46.62 25.34 -2.32
C GLN B 74 46.75 25.96 -0.94
N GLU B 75 45.88 25.58 0.00
CA GLU B 75 45.70 26.33 1.23
C GLU B 75 46.63 25.90 2.36
N GLU B 76 47.25 24.72 2.26
CA GLU B 76 48.14 24.28 3.34
C GLU B 76 49.50 24.93 3.23
N ASN B 77 49.99 25.13 2.00
CA ASN B 77 51.33 25.67 1.81
C ASN B 77 51.39 27.18 1.83
N GLU B 78 50.26 27.88 1.71
CA GLU B 78 50.30 29.31 1.94
C GLU B 78 49.96 29.52 3.41
N ASN B 79 51.03 29.65 4.20
CA ASN B 79 51.04 30.25 5.52
C ASN B 79 51.29 31.74 5.40
N ILE B 80 51.79 32.13 4.23
CA ILE B 80 52.11 33.53 3.95
C ILE B 80 50.95 34.43 4.32
N TYR B 81 49.73 34.07 3.89
CA TYR B 81 48.58 34.92 4.13
C TYR B 81 47.64 34.50 5.25
N LEU B 82 47.79 33.31 5.84
CA LEU B 82 46.67 32.85 6.68
C LEU B 82 46.60 33.62 8.00
N ASP B 83 47.61 33.44 8.85
CA ASP B 83 47.62 34.13 10.14
C ASP B 83 47.35 35.61 9.97
N THR B 84 48.03 36.25 9.02
CA THR B 84 47.81 37.66 8.73
C THR B 84 46.32 37.94 8.51
N LEU B 85 45.67 37.11 7.68
CA LEU B 85 44.28 37.38 7.33
C LEU B 85 43.35 37.21 8.52
N ASN B 86 43.56 36.16 9.33
CA ASN B 86 42.76 36.01 10.54
C ASN B 86 42.92 37.24 11.44
N VAL B 87 44.17 37.63 11.67
CA VAL B 87 44.47 38.83 12.46
C VAL B 87 43.65 40.02 11.94
N LEU B 88 43.73 40.28 10.63
CA LEU B 88 43.07 41.45 10.07
C LEU B 88 41.55 41.34 10.14
N VAL B 89 41.00 40.13 10.05
CA VAL B 89 39.55 39.98 10.15
C VAL B 89 39.08 40.30 11.56
N LEU B 90 39.65 39.60 12.54
CA LEU B 90 39.35 39.89 13.94
C LEU B 90 39.47 41.39 14.22
N ASN B 91 40.44 42.05 13.59
CA ASN B 91 40.53 43.49 13.72
C ASN B 91 39.31 44.18 13.10
N LYS B 92 39.05 43.91 11.82
CA LYS B 92 37.98 44.59 11.11
C LYS B 92 36.68 44.57 11.90
N ILE B 93 36.35 43.41 12.48
CA ILE B 93 35.15 43.37 13.34
C ILE B 93 35.20 44.52 14.33
N CYS B 94 36.33 44.67 15.02
CA CYS B 94 36.48 45.78 15.96
C CYS B 94 36.33 47.12 15.25
N PHE B 95 36.83 47.23 14.02
CA PHE B 95 36.82 48.51 13.33
C PHE B 95 35.40 49.01 13.12
N LYS B 96 34.57 48.23 12.41
CA LYS B 96 33.19 48.65 12.24
C LYS B 96 32.50 48.79 13.59
N PHE B 97 32.73 47.82 14.47
CA PHE B 97 32.15 47.84 15.81
C PHE B 97 32.35 49.21 16.48
N PHE B 98 33.54 49.78 16.36
CA PHE B 98 33.84 51.09 16.94
C PHE B 98 33.39 52.24 16.06
N GLU B 99 33.21 52.01 14.75
CA GLU B 99 32.60 53.04 13.91
C GLU B 99 31.19 53.37 14.39
N ASN B 100 30.43 52.33 14.77
CA ASN B 100 29.04 52.57 15.17
C ASN B 100 28.95 53.47 16.41
N ILE B 101 29.89 53.36 17.34
CA ILE B 101 29.80 54.03 18.63
C ILE B 101 30.55 55.37 18.66
N GLY B 102 31.07 55.83 17.52
CA GLY B 102 31.69 57.14 17.45
C GLY B 102 33.19 57.21 17.30
N VAL B 103 33.88 56.11 17.01
CA VAL B 103 35.30 56.14 16.67
C VAL B 103 35.49 55.53 15.30
N GLN B 104 35.98 56.33 14.36
CA GLN B 104 36.21 55.91 12.99
C GLN B 104 37.65 55.50 12.72
N ASP B 105 38.55 55.64 13.69
CA ASP B 105 39.93 55.18 13.56
C ASP B 105 40.18 54.09 14.60
N PHE B 106 40.27 52.84 14.14
CA PHE B 106 40.78 51.78 15.02
C PHE B 106 42.30 51.69 15.00
N ASN B 107 42.94 52.00 13.87
CA ASN B 107 44.38 52.24 13.74
C ASN B 107 45.25 51.02 14.09
N MET B 108 44.63 49.92 14.52
CA MET B 108 45.35 48.72 14.93
C MET B 108 46.31 49.00 16.09
N THR B 109 46.12 50.13 16.78
CA THR B 109 46.76 50.34 18.07
C THR B 109 45.93 49.73 19.19
N ASP B 110 44.61 49.78 19.07
CA ASP B 110 43.72 49.33 20.14
C ASP B 110 43.73 47.82 20.31
N LEU B 111 44.23 47.08 19.33
CA LEU B 111 44.44 45.65 19.50
C LEU B 111 45.86 45.36 20.00
N TYR B 112 46.86 45.65 19.17
CA TYR B 112 48.21 45.11 19.30
C TYR B 112 49.15 45.90 20.23
N LYS B 113 49.05 47.23 20.29
CA LYS B 113 49.70 48.00 21.34
C LYS B 113 48.68 48.98 21.96
N PRO B 114 47.63 48.43 22.56
CA PRO B 114 46.55 49.28 23.10
C PRO B 114 47.00 50.06 24.33
N GLU B 115 46.18 51.04 24.69
CA GLU B 115 46.43 51.93 25.80
C GLU B 115 45.18 52.03 26.67
N ALA B 116 45.34 52.66 27.82
CA ALA B 116 44.31 52.67 28.85
C ALA B 116 43.12 53.54 28.46
N GLN B 117 43.34 54.85 28.36
CA GLN B 117 42.25 55.79 28.16
C GLN B 117 41.62 55.68 26.78
N ARG B 118 42.26 54.98 25.84
CA ARG B 118 41.77 54.94 24.46
C ARG B 118 40.58 54.00 24.33
N THR B 119 40.82 52.70 24.43
CA THR B 119 39.75 51.71 24.25
C THR B 119 38.63 51.87 25.27
N GLN B 120 38.98 52.33 26.47
CA GLN B 120 38.06 52.26 27.61
C GLN B 120 36.78 53.05 27.33
N ARG B 121 36.92 54.30 26.88
CA ARG B 121 35.74 55.14 26.67
C ARG B 121 34.80 54.53 25.64
N LEU B 122 35.38 54.02 24.56
CA LEU B 122 34.58 53.43 23.48
C LEU B 122 33.82 52.20 23.99
N LEU B 123 34.55 51.23 24.54
CA LEU B 123 33.87 50.06 25.09
C LEU B 123 32.80 50.46 26.10
N SER B 124 33.02 51.56 26.82
CA SER B 124 32.00 52.06 27.74
C SER B 124 30.74 52.47 26.98
N ALA B 125 30.91 53.26 25.91
CA ALA B 125 29.77 53.58 25.05
C ALA B 125 29.03 52.31 24.65
N VAL B 126 29.77 51.29 24.23
CA VAL B 126 29.15 50.02 23.87
C VAL B 126 28.29 49.51 25.01
N VAL B 127 28.87 49.46 26.22
CA VAL B 127 28.14 48.90 27.36
C VAL B 127 26.85 49.67 27.59
N ASN B 128 26.94 51.00 27.68
CA ASN B 128 25.73 51.80 27.87
C ASN B 128 24.67 51.43 26.85
N TYR B 129 25.08 51.26 25.59
CA TYR B 129 24.16 50.71 24.61
C TYR B 129 23.53 49.44 25.13
N ALA B 130 24.35 48.40 25.28
CA ALA B 130 23.83 47.07 25.58
C ALA B 130 22.81 47.12 26.71
N ARG B 131 23.04 47.98 27.70
CA ARG B 131 22.04 48.16 28.75
C ARG B 131 20.75 48.77 28.20
N PHE B 132 20.87 49.87 27.46
CA PHE B 132 19.68 50.49 26.86
C PHE B 132 18.88 49.47 26.06
N ARG B 133 19.55 48.83 25.10
CA ARG B 133 18.91 47.77 24.33
C ARG B 133 18.25 46.74 25.23
N GLU B 134 18.95 46.32 26.29
CA GLU B 134 18.37 45.34 27.21
C GLU B 134 17.05 45.83 27.79
N GLU B 135 16.93 47.13 28.02
CA GLU B 135 15.64 47.66 28.48
C GLU B 135 14.62 47.68 27.35
N ARG B 136 15.07 47.99 26.12
CA ARG B 136 14.15 47.97 24.98
C ARG B 136 13.70 46.56 24.60
N MET B 137 14.34 45.52 25.13
CA MET B 137 14.00 44.16 24.74
C MET B 137 12.63 43.76 25.30
N PHE B 138 12.43 43.95 26.60
CA PHE B 138 11.15 43.59 27.21
C PHE B 138 9.97 44.14 26.41
N ASP B 139 10.11 45.36 25.90
CA ASP B 139 9.08 45.93 25.02
C ASP B 139 8.70 44.96 23.93
N CYS B 140 9.67 44.18 23.46
CA CYS B 140 9.52 43.28 22.33
C CYS B 140 9.05 41.89 22.72
N ASN B 141 8.69 41.66 23.98
CA ASN B 141 8.52 40.27 24.43
C ASN B 141 7.33 39.56 23.81
N SER B 142 6.30 40.27 23.34
CA SER B 142 5.29 39.62 22.51
C SER B 142 5.96 38.94 21.33
N PHE B 143 6.90 39.63 20.69
CA PHE B 143 7.78 39.03 19.68
C PHE B 143 8.36 37.71 20.19
N ILE B 144 8.95 37.72 21.40
CA ILE B 144 9.50 36.47 21.93
C ILE B 144 8.44 35.38 21.92
N LEU B 145 7.22 35.72 22.33
CA LEU B 145 6.12 34.77 22.18
C LEU B 145 5.78 34.60 20.71
N GLN B 146 5.58 35.71 20.00
CA GLN B 146 5.30 35.63 18.57
C GLN B 146 6.39 34.83 17.87
N MET B 147 7.65 35.27 17.97
CA MET B 147 8.73 34.46 17.41
C MET B 147 8.56 33.01 17.83
N GLU B 148 8.40 32.77 19.14
CA GLU B 148 8.19 31.40 19.60
C GLU B 148 6.97 30.80 18.94
N SER B 149 5.82 31.47 19.11
CA SER B 149 4.61 31.06 18.43
C SER B 149 4.93 30.79 16.98
N LEU B 150 5.57 31.76 16.34
CA LEU B 150 5.95 31.60 14.95
C LEU B 150 6.91 30.43 14.80
N LEU B 151 8.05 30.49 15.48
CA LEU B 151 8.96 29.35 15.47
C LEU B 151 8.28 28.10 15.99
N GLY B 152 7.23 28.23 16.79
CA GLY B 152 6.49 27.10 17.28
C GLY B 152 5.56 26.59 16.20
N GLN B 153 4.87 27.53 15.55
CA GLN B 153 3.91 27.15 14.51
C GLN B 153 4.56 26.20 13.53
N ILE B 154 5.60 26.66 12.83
CA ILE B 154 6.30 25.80 11.87
C ILE B 154 6.53 24.42 12.48
N ASN B 155 7.13 24.38 13.68
CA ASN B 155 7.46 23.10 14.28
C ASN B 155 6.23 22.22 14.37
N LYS B 156 5.17 22.74 15.00
CA LYS B 156 3.92 21.98 15.08
C LYS B 156 3.55 21.47 13.70
N LEU B 157 3.47 22.39 12.73
CA LEU B 157 3.15 22.00 11.36
C LEU B 157 4.11 20.93 10.87
N ASN B 158 5.40 21.17 11.01
CA ASN B 158 6.39 20.21 10.52
C ASN B 158 6.23 18.86 11.20
N ASP B 159 5.81 18.85 12.48
CA ASP B 159 5.54 17.58 13.13
C ASP B 159 4.38 16.87 12.43
N GLU B 160 3.27 17.59 12.22
CA GLU B 160 2.04 16.98 11.75
C GLU B 160 2.28 16.09 10.55
N ILE B 161 2.89 16.64 9.49
CA ILE B 161 3.11 15.89 8.26
C ILE B 161 3.73 14.54 8.60
N LYS B 162 4.85 14.57 9.31
CA LYS B 162 5.55 13.34 9.68
C LYS B 162 4.54 12.32 10.18
N GLN B 163 3.85 12.70 11.26
CA GLN B 163 2.90 11.81 11.89
C GLN B 163 2.09 11.09 10.82
N LEU B 164 1.37 11.87 10.01
CA LEU B 164 0.48 11.28 9.01
C LEU B 164 1.18 10.16 8.27
N GLN B 165 2.22 10.48 7.52
CA GLN B 165 2.78 9.47 6.62
C GLN B 165 3.29 8.26 7.41
N LYS B 166 3.79 8.49 8.63
CA LYS B 166 4.26 7.36 9.43
C LYS B 166 3.12 6.38 9.69
N ASP B 167 1.96 6.89 10.10
CA ASP B 167 0.81 6.01 10.24
C ASP B 167 0.35 5.47 8.89
N PHE B 168 0.50 6.27 7.83
CA PHE B 168 0.04 5.83 6.52
C PHE B 168 0.61 4.47 6.18
N GLU B 169 1.94 4.39 6.04
CA GLU B 169 2.59 3.12 5.77
C GLU B 169 2.09 2.04 6.73
N VAL B 170 1.92 2.38 8.01
CA VAL B 170 1.41 1.40 8.97
C VAL B 170 0.14 0.76 8.43
N GLU B 171 -0.86 1.60 8.13
CA GLU B 171 -2.12 1.10 7.60
C GLU B 171 -1.87 0.16 6.43
N VAL B 172 -0.96 0.54 5.53
CA VAL B 172 -0.65 -0.34 4.41
C VAL B 172 -0.07 -1.64 4.92
N LYS B 173 1.04 -1.57 5.67
CA LYS B 173 1.72 -2.77 6.11
C LYS B 173 0.73 -3.74 6.75
N GLU B 174 0.02 -3.26 7.77
CA GLU B 174 -1.02 -4.06 8.41
C GLU B 174 -1.88 -4.76 7.37
N ILE B 175 -2.56 -3.97 6.53
CA ILE B 175 -3.42 -4.57 5.50
C ILE B 175 -2.65 -5.66 4.76
N GLU B 176 -1.50 -5.28 4.19
CA GLU B 176 -0.71 -6.24 3.43
C GLU B 176 -0.54 -7.52 4.22
N ILE B 177 -0.09 -7.40 5.47
CA ILE B 177 0.07 -8.56 6.34
C ILE B 177 -1.15 -9.46 6.23
N GLU B 178 -2.31 -8.94 6.66
CA GLU B 178 -3.52 -9.75 6.63
C GLU B 178 -3.75 -10.33 5.25
N TYR B 179 -3.66 -9.49 4.20
CA TYR B 179 -3.90 -10.01 2.87
C TYR B 179 -3.05 -11.26 2.61
N SER B 180 -1.75 -11.15 2.87
CA SER B 180 -0.86 -12.28 2.64
C SER B 180 -1.43 -13.52 3.31
N LEU B 181 -1.78 -13.42 4.59
CA LEU B 181 -2.37 -14.56 5.29
C LEU B 181 -3.53 -15.12 4.48
N LEU B 182 -4.52 -14.27 4.16
CA LEU B 182 -5.65 -14.72 3.36
C LEU B 182 -5.15 -15.45 2.12
N SER B 183 -4.26 -14.82 1.36
CA SER B 183 -3.68 -15.47 0.19
C SER B 183 -3.23 -16.88 0.56
N GLY B 184 -2.26 -16.97 1.48
CA GLY B 184 -1.77 -18.28 1.88
C GLY B 184 -2.91 -19.22 2.19
N HIS B 185 -3.83 -18.77 3.05
CA HIS B 185 -4.99 -19.58 3.40
C HIS B 185 -5.60 -20.17 2.13
N ILE B 186 -6.09 -19.30 1.24
CA ILE B 186 -6.74 -19.77 0.02
C ILE B 186 -5.86 -20.78 -0.68
N ASN B 187 -4.59 -20.45 -0.90
CA ASN B 187 -3.69 -21.37 -1.58
C ASN B 187 -3.74 -22.74 -0.91
N LYS B 188 -3.48 -22.75 0.40
CA LYS B 188 -3.58 -23.97 1.19
C LYS B 188 -4.87 -24.69 0.84
N TYR B 189 -6.00 -24.00 1.05
CA TYR B 189 -7.30 -24.58 0.70
C TYR B 189 -7.20 -25.28 -0.63
N MET B 190 -6.96 -24.51 -1.70
CA MET B 190 -6.90 -25.10 -3.03
C MET B 190 -6.00 -26.33 -3.01
N ASN B 191 -4.76 -26.16 -2.54
CA ASN B 191 -3.80 -27.25 -2.55
C ASN B 191 -4.40 -28.53 -1.98
N GLU B 192 -5.01 -28.44 -0.80
CA GLU B 192 -5.57 -29.65 -0.20
C GLU B 192 -6.62 -30.26 -1.13
N MET B 193 -7.56 -29.43 -1.59
CA MET B 193 -8.59 -29.88 -2.51
C MET B 193 -7.99 -30.55 -3.75
N LEU B 194 -6.78 -30.14 -4.16
CA LEU B 194 -6.18 -30.72 -5.36
C LEU B 194 -6.07 -32.24 -5.25
N GLU B 195 -5.84 -32.75 -4.04
CA GLU B 195 -5.68 -34.20 -3.86
C GLU B 195 -6.87 -34.96 -4.43
N TYR B 196 -8.06 -34.62 -3.96
CA TYR B 196 -9.24 -35.42 -4.20
C TYR B 196 -9.74 -35.27 -5.64
N MET B 197 -9.34 -34.20 -6.31
CA MET B 197 -9.56 -34.07 -7.74
C MET B 197 -8.42 -34.74 -8.50
N GLN B 198 -8.46 -34.64 -9.83
CA GLN B 198 -7.49 -35.32 -10.69
C GLN B 198 -7.80 -36.81 -10.75
N LYS C 4 -13.80 10.20 4.15
CA LYS C 4 -13.91 9.59 5.47
C LYS C 4 -14.67 8.27 5.38
N ASP C 5 -15.82 8.29 4.72
CA ASP C 5 -16.51 7.08 4.32
C ASP C 5 -16.26 6.83 2.84
N ASN C 6 -16.89 5.80 2.29
CA ASN C 6 -16.46 5.22 1.03
C ASN C 6 -15.01 4.77 1.19
N LEU C 7 -14.80 3.95 2.21
CA LEU C 7 -13.52 3.63 2.82
C LEU C 7 -13.82 2.62 3.91
N LEU C 8 -12.81 1.86 4.31
CA LEU C 8 -13.01 0.77 5.26
C LEU C 8 -12.61 1.26 6.65
N ASP C 9 -13.55 1.15 7.59
CA ASP C 9 -13.33 1.66 8.93
C ASP C 9 -12.13 0.97 9.58
N ASN C 10 -12.11 -0.36 9.57
CA ASN C 10 -10.89 -1.12 9.90
C ASN C 10 -10.70 -2.24 8.90
N PRO C 11 -9.95 -2.02 7.82
CA PRO C 11 -9.78 -3.08 6.81
C PRO C 11 -9.03 -4.30 7.33
N VAL C 12 -8.04 -4.11 8.22
CA VAL C 12 -7.30 -5.26 8.73
C VAL C 12 -8.23 -6.21 9.47
N GLU C 13 -9.16 -5.66 10.25
CA GLU C 13 -10.16 -6.49 10.91
C GLU C 13 -11.05 -7.18 9.89
N PHE C 14 -11.36 -6.48 8.80
CA PHE C 14 -12.18 -7.07 7.74
C PHE C 14 -11.47 -8.28 7.13
N LEU C 15 -10.18 -8.16 6.84
CA LEU C 15 -9.45 -9.26 6.21
C LEU C 15 -9.22 -10.41 7.19
N LYS C 16 -8.83 -10.10 8.43
CA LYS C 16 -8.74 -11.13 9.46
C LYS C 16 -10.03 -11.92 9.50
N GLU C 17 -11.14 -11.20 9.68
CA GLU C 17 -12.46 -11.80 9.58
C GLU C 17 -12.52 -12.69 8.35
N VAL C 18 -12.13 -12.16 7.19
CA VAL C 18 -12.34 -12.89 5.94
C VAL C 18 -11.58 -14.20 5.97
N ARG C 19 -10.46 -14.25 6.68
CA ARG C 19 -9.69 -15.48 6.80
C ARG C 19 -10.33 -16.46 7.77
N GLU C 20 -10.94 -15.93 8.85
CA GLU C 20 -11.39 -16.81 9.93
C GLU C 20 -12.67 -17.55 9.59
N SER C 21 -13.56 -16.95 8.81
CA SER C 21 -14.79 -17.62 8.40
C SER C 21 -14.64 -18.40 7.11
N PHE C 22 -13.44 -18.50 6.57
CA PHE C 22 -13.19 -19.33 5.41
C PHE C 22 -12.89 -20.72 5.95
N ASP C 23 -13.85 -21.62 5.80
CA ASP C 23 -13.85 -22.89 6.53
C ASP C 23 -13.35 -23.97 5.60
N ILE C 24 -12.14 -24.45 5.85
CA ILE C 24 -11.53 -25.48 5.03
C ILE C 24 -12.05 -26.85 5.42
N GLN C 25 -11.82 -27.25 6.68
CA GLN C 25 -12.18 -28.59 7.12
C GLN C 25 -13.63 -28.93 6.81
N GLN C 26 -14.52 -27.95 6.83
CA GLN C 26 -15.92 -28.20 6.48
C GLN C 26 -16.04 -28.71 5.05
N ASP C 27 -15.48 -27.98 4.09
CA ASP C 27 -15.55 -28.39 2.70
C ASP C 27 -14.81 -29.70 2.46
N VAL C 28 -13.62 -29.85 3.07
CA VAL C 28 -12.89 -31.11 2.95
C VAL C 28 -13.78 -32.27 3.40
N ASP C 29 -14.36 -32.15 4.60
CA ASP C 29 -15.26 -33.19 5.09
C ASP C 29 -16.39 -33.43 4.12
N ALA C 30 -16.87 -32.39 3.44
CA ALA C 30 -17.89 -32.59 2.40
C ALA C 30 -17.34 -33.39 1.24
N MET C 31 -16.04 -33.29 0.95
CA MET C 31 -15.48 -34.05 -0.16
C MET C 31 -15.19 -35.50 0.23
N LYS C 32 -14.66 -35.75 1.43
CA LYS C 32 -14.63 -37.11 1.93
C LYS C 32 -16.03 -37.71 1.84
N ARG C 33 -17.02 -36.93 2.27
CA ARG C 33 -18.41 -37.32 2.12
C ARG C 33 -18.70 -37.74 0.69
N ILE C 34 -18.38 -36.90 -0.28
CA ILE C 34 -18.76 -37.22 -1.66
C ILE C 34 -18.04 -38.46 -2.16
N ARG C 35 -16.77 -38.62 -1.78
CA ARG C 35 -16.04 -39.84 -2.16
C ARG C 35 -16.74 -41.08 -1.63
N HIS C 36 -17.11 -41.08 -0.34
CA HIS C 36 -17.77 -42.24 0.24
C HIS C 36 -19.15 -42.45 -0.35
N ASP C 37 -19.84 -41.37 -0.74
CA ASP C 37 -21.06 -41.50 -1.52
C ASP C 37 -20.79 -42.28 -2.79
N LEU C 38 -19.82 -41.81 -3.57
CA LEU C 38 -19.47 -42.49 -4.81
C LEU C 38 -19.14 -43.95 -4.57
N ASP C 39 -18.36 -44.25 -3.54
CA ASP C 39 -18.01 -45.64 -3.29
C ASP C 39 -19.24 -46.47 -2.97
N VAL C 40 -20.11 -45.95 -2.09
CA VAL C 40 -21.40 -46.61 -1.84
C VAL C 40 -22.07 -46.94 -3.17
N ILE C 41 -22.34 -45.91 -3.96
CA ILE C 41 -22.99 -46.14 -5.26
C ILE C 41 -22.22 -47.21 -6.01
N LYS C 42 -20.93 -47.00 -6.25
CA LYS C 42 -20.15 -47.94 -7.03
C LYS C 42 -20.39 -49.38 -6.61
N GLU C 43 -20.50 -49.62 -5.30
CA GLU C 43 -20.85 -50.96 -4.85
C GLU C 43 -22.30 -51.29 -5.12
N GLU C 44 -23.20 -50.31 -5.01
CA GLU C 44 -24.61 -50.54 -5.31
C GLU C 44 -24.80 -50.79 -6.79
N SER C 45 -24.34 -49.86 -7.62
CA SER C 45 -24.26 -50.09 -9.04
C SER C 45 -23.72 -51.48 -9.25
N GLU C 46 -22.58 -51.84 -8.62
CA GLU C 46 -21.79 -53.02 -8.98
C GLU C 46 -22.42 -54.35 -8.58
N ALA C 47 -22.49 -54.64 -7.28
CA ALA C 47 -23.22 -55.84 -6.87
C ALA C 47 -24.55 -55.87 -7.62
N ARG C 48 -25.10 -54.70 -7.88
CA ARG C 48 -26.26 -54.64 -8.76
C ARG C 48 -25.87 -54.50 -10.25
N ILE C 49 -24.59 -54.66 -10.65
CA ILE C 49 -24.27 -54.83 -12.07
C ILE C 49 -24.06 -56.30 -12.36
N SER C 50 -23.93 -57.12 -11.32
CA SER C 50 -24.23 -58.54 -11.44
C SER C 50 -25.71 -58.80 -11.28
N LYS C 51 -26.42 -57.95 -10.54
CA LYS C 51 -27.88 -58.01 -10.60
C LYS C 51 -28.43 -57.33 -11.84
N GLU C 52 -27.65 -56.46 -12.49
CA GLU C 52 -28.01 -55.94 -13.79
C GLU C 52 -27.32 -56.69 -14.93
N HIS C 53 -26.36 -57.55 -14.64
CA HIS C 53 -25.95 -58.55 -15.61
C HIS C 53 -26.84 -59.77 -15.54
N SER C 54 -27.55 -59.91 -14.42
CA SER C 54 -28.62 -60.87 -14.29
C SER C 54 -30.00 -60.27 -14.53
N LYS C 55 -30.14 -58.94 -14.56
CA LYS C 55 -31.34 -58.29 -15.10
C LYS C 55 -31.15 -57.76 -16.51
N VAL C 56 -29.90 -57.65 -16.97
CA VAL C 56 -29.60 -57.47 -18.38
C VAL C 56 -29.26 -58.80 -19.04
N SER C 57 -29.00 -59.85 -18.26
CA SER C 57 -29.15 -61.20 -18.77
C SER C 57 -30.54 -61.78 -18.51
N GLU C 58 -31.16 -61.54 -17.36
CA GLU C 58 -32.57 -61.88 -17.25
C GLU C 58 -33.38 -61.05 -18.21
N SER C 59 -33.08 -59.74 -18.29
CA SER C 59 -33.81 -58.94 -19.24
C SER C 59 -33.26 -59.11 -20.64
N ASN C 60 -31.95 -59.14 -20.89
CA ASN C 60 -31.63 -59.38 -22.31
C ASN C 60 -31.71 -60.83 -22.74
N LYS C 61 -31.97 -61.76 -21.81
CA LYS C 61 -32.39 -63.09 -22.22
C LYS C 61 -33.89 -63.13 -22.50
N LYS C 62 -34.71 -62.49 -21.65
CA LYS C 62 -36.14 -62.39 -21.90
C LYS C 62 -36.50 -61.14 -22.70
N LEU C 63 -35.50 -60.42 -23.22
CA LEU C 63 -35.65 -59.20 -24.00
C LEU C 63 -35.05 -59.46 -25.37
N LYS C 64 -33.79 -59.87 -25.48
CA LYS C 64 -33.46 -60.55 -26.73
C LYS C 64 -34.45 -61.68 -26.99
N LEU C 65 -34.96 -62.33 -25.93
CA LEU C 65 -35.95 -63.38 -26.14
C LEU C 65 -37.35 -62.81 -26.37
N TYR C 66 -37.85 -61.91 -25.51
CA TYR C 66 -39.18 -61.35 -25.73
C TYR C 66 -39.22 -60.58 -27.05
N ARG C 67 -38.28 -59.65 -27.23
CA ARG C 67 -38.10 -58.96 -28.51
C ARG C 67 -38.02 -59.97 -29.66
N SER C 68 -37.18 -60.99 -29.53
CA SER C 68 -37.10 -61.98 -30.60
C SER C 68 -38.40 -62.75 -30.77
N LEU C 69 -39.31 -62.70 -29.80
CA LEU C 69 -40.68 -63.16 -30.04
C LEU C 69 -41.41 -62.21 -30.97
N GLY C 70 -40.85 -61.04 -31.24
CA GLY C 70 -41.49 -60.04 -32.07
C GLY C 70 -42.25 -58.99 -31.31
N VAL C 71 -42.20 -59.00 -29.98
CA VAL C 71 -42.92 -58.04 -29.14
C VAL C 71 -41.96 -56.94 -28.76
N ILE C 72 -42.29 -55.71 -29.18
CA ILE C 72 -41.43 -54.55 -29.03
C ILE C 72 -42.22 -53.51 -28.25
N LEU C 73 -41.70 -53.11 -27.09
CA LEU C 73 -42.33 -52.03 -26.34
C LEU C 73 -42.11 -50.73 -27.10
N ASP C 74 -43.19 -50.05 -27.46
CA ASP C 74 -43.09 -48.68 -27.93
C ASP C 74 -43.79 -47.82 -26.89
N LEU C 75 -43.02 -47.23 -25.98
CA LEU C 75 -43.60 -46.43 -24.91
C LEU C 75 -43.60 -44.95 -25.25
N GLU C 76 -42.90 -44.55 -26.32
CA GLU C 76 -43.07 -43.21 -26.84
C GLU C 76 -44.51 -42.97 -27.25
N ASN C 77 -45.12 -43.95 -27.91
CA ASN C 77 -46.49 -43.86 -28.41
C ASN C 77 -47.50 -44.53 -27.50
N ASP C 78 -47.09 -45.08 -26.36
CA ASP C 78 -48.01 -45.75 -25.43
C ASP C 78 -48.67 -46.95 -26.10
N GLN C 79 -47.86 -47.82 -26.68
CA GLN C 79 -48.35 -48.97 -27.43
C GLN C 79 -47.26 -50.03 -27.48
N VAL C 80 -47.66 -51.25 -27.84
CA VAL C 80 -46.74 -52.35 -28.07
C VAL C 80 -46.91 -52.82 -29.50
N LEU C 81 -45.80 -53.14 -30.14
CA LEU C 81 -45.79 -53.66 -31.50
C LEU C 81 -45.54 -55.16 -31.44
N ILE C 82 -46.25 -55.91 -32.27
CA ILE C 82 -46.03 -57.33 -32.44
C ILE C 82 -45.62 -57.55 -33.88
N ASN C 83 -44.37 -57.93 -34.09
CA ASN C 83 -43.88 -58.30 -35.41
C ASN C 83 -43.59 -59.80 -35.37
N ARG C 84 -44.55 -60.59 -35.84
CA ARG C 84 -44.38 -62.04 -35.93
C ARG C 84 -43.79 -62.46 -37.25
N LYS C 85 -44.32 -61.92 -38.36
CA LYS C 85 -43.90 -62.33 -39.69
C LYS C 85 -42.76 -61.49 -40.26
N ASN C 86 -42.51 -60.31 -39.71
CA ASN C 86 -41.45 -59.42 -40.22
C ASN C 86 -41.53 -59.27 -41.74
N ASP C 87 -42.75 -59.30 -42.28
CA ASP C 87 -42.99 -59.15 -43.71
C ASP C 87 -43.34 -57.71 -44.08
N GLY C 88 -43.31 -56.78 -43.13
CA GLY C 88 -43.81 -55.44 -43.32
C GLY C 88 -45.15 -55.18 -42.66
N ASN C 89 -45.74 -56.19 -42.04
CA ASN C 89 -47.01 -56.07 -41.33
C ASN C 89 -46.77 -56.30 -39.84
N ILE C 90 -47.28 -55.41 -39.00
CA ILE C 90 -47.19 -55.55 -37.56
C ILE C 90 -48.56 -55.30 -36.96
N ASP C 91 -48.74 -55.82 -35.75
CA ASP C 91 -49.93 -55.52 -34.95
C ASP C 91 -49.59 -54.46 -33.92
N ILE C 92 -50.48 -53.49 -33.77
CA ILE C 92 -50.26 -52.37 -32.86
C ILE C 92 -51.32 -52.43 -31.77
N LEU C 93 -50.87 -52.63 -30.53
CA LEU C 93 -51.77 -52.76 -29.39
C LEU C 93 -51.61 -51.56 -28.47
N PRO C 94 -52.59 -50.67 -28.37
CA PRO C 94 -52.46 -49.56 -27.42
C PRO C 94 -52.42 -50.08 -25.99
N LEU C 95 -51.69 -49.36 -25.14
CA LEU C 95 -51.55 -49.69 -23.73
C LEU C 95 -52.64 -49.04 -22.88
N ASP C 96 -53.65 -48.46 -23.52
CA ASP C 96 -54.72 -47.79 -22.80
C ASP C 96 -55.27 -48.66 -21.68
N ASN C 97 -55.56 -48.01 -20.54
CA ASN C 97 -56.20 -48.69 -19.43
C ASN C 97 -57.55 -49.29 -19.82
N ASN C 98 -58.13 -48.83 -20.92
CA ASN C 98 -59.47 -49.25 -21.33
C ASN C 98 -59.58 -50.78 -21.44
N LEU C 99 -58.89 -51.37 -22.41
CA LEU C 99 -58.94 -52.82 -22.57
C LEU C 99 -58.45 -53.50 -21.28
N SER C 100 -59.02 -54.66 -21.00
CA SER C 100 -58.67 -55.41 -19.80
C SER C 100 -57.39 -56.19 -20.03
N ASP C 101 -56.93 -56.89 -18.99
CA ASP C 101 -55.73 -57.71 -19.11
C ASP C 101 -56.03 -59.07 -19.75
N PHE C 102 -57.16 -59.68 -19.40
CA PHE C 102 -57.50 -60.98 -19.98
C PHE C 102 -57.69 -60.87 -21.49
N TYR C 103 -58.52 -59.91 -21.92
CA TYR C 103 -58.77 -59.75 -23.35
C TYR C 103 -57.49 -59.40 -24.09
N LYS C 104 -56.68 -58.50 -23.55
CA LYS C 104 -55.39 -58.18 -24.16
C LYS C 104 -54.55 -59.44 -24.32
N THR C 105 -54.35 -60.18 -23.24
CA THR C 105 -53.53 -61.39 -23.29
C THR C 105 -54.05 -62.36 -24.35
N LYS C 106 -55.33 -62.72 -24.26
CA LYS C 106 -55.93 -63.62 -25.24
C LYS C 106 -55.66 -63.15 -26.66
N TYR C 107 -55.90 -61.86 -26.92
CA TYR C 107 -55.67 -61.32 -28.25
C TYR C 107 -54.22 -61.51 -28.68
N ILE C 108 -53.28 -61.09 -27.83
CA ILE C 108 -51.86 -61.19 -28.18
C ILE C 108 -51.50 -62.63 -28.55
N TRP C 109 -51.87 -63.57 -27.68
CA TRP C 109 -51.51 -64.97 -27.95
C TRP C 109 -52.23 -65.50 -29.17
N GLU C 110 -53.40 -64.94 -29.52
CA GLU C 110 -54.02 -65.28 -30.80
C GLU C 110 -53.17 -64.79 -31.97
N ARG C 111 -52.64 -63.57 -31.86
CA ARG C 111 -51.82 -63.03 -32.95
C ARG C 111 -50.51 -63.81 -33.10
N LEU C 112 -49.91 -64.21 -31.99
CA LEU C 112 -48.66 -64.96 -32.05
C LEU C 112 -48.87 -66.37 -32.61
N GLY C 113 -50.08 -66.91 -32.52
CA GLY C 113 -50.37 -68.23 -33.03
C GLY C 113 -50.74 -68.28 -34.49
N LYS C 114 -50.64 -67.17 -35.21
CA LYS C 114 -51.00 -67.12 -36.62
C LYS C 114 -49.81 -67.51 -37.50
N ALA D 2 3.24 -11.91 -2.29
CA ALA D 2 2.63 -11.66 -0.99
C ALA D 2 2.08 -10.24 -0.90
N SER D 3 1.86 -9.62 -2.05
CA SER D 3 1.35 -8.26 -2.12
C SER D 3 -0.02 -8.25 -2.80
N ILE D 4 -0.92 -7.41 -2.27
CA ILE D 4 -2.30 -7.37 -2.76
C ILE D 4 -2.33 -7.12 -4.25
N ASP D 5 -1.34 -6.39 -4.78
CA ASP D 5 -1.36 -6.03 -6.20
C ASP D 5 -1.37 -7.25 -7.10
N ALA D 6 -0.84 -8.37 -6.63
CA ALA D 6 -0.80 -9.60 -7.42
C ALA D 6 -2.10 -10.38 -7.38
N PHE D 7 -3.11 -9.89 -6.67
CA PHE D 7 -4.35 -10.65 -6.49
C PHE D 7 -4.96 -11.06 -7.83
N SER D 8 -4.67 -10.31 -8.90
CA SER D 8 -5.11 -10.71 -10.22
C SER D 8 -4.85 -12.20 -10.44
N ASP D 9 -3.58 -12.59 -10.31
CA ASP D 9 -3.21 -13.99 -10.48
C ASP D 9 -4.17 -14.92 -9.74
N LEU D 10 -4.42 -14.64 -8.46
CA LEU D 10 -5.29 -15.53 -7.68
C LEU D 10 -6.66 -15.66 -8.33
N GLU D 11 -7.26 -14.54 -8.72
CA GLU D 11 -8.58 -14.57 -9.35
C GLU D 11 -8.65 -15.61 -10.44
N ARG D 12 -7.52 -15.87 -11.11
CA ARG D 12 -7.49 -16.88 -12.16
C ARG D 12 -7.56 -18.27 -11.57
N ARG D 13 -6.56 -18.64 -10.77
CA ARG D 13 -6.50 -19.98 -10.22
C ARG D 13 -7.81 -20.31 -9.50
N MET D 14 -8.27 -19.40 -8.65
CA MET D 14 -9.61 -19.52 -8.10
C MET D 14 -10.60 -19.87 -9.20
N ASP D 15 -10.81 -18.94 -10.14
CA ASP D 15 -11.76 -19.18 -11.23
C ASP D 15 -11.56 -20.55 -11.86
N GLY D 16 -10.31 -20.99 -12.03
CA GLY D 16 -10.09 -22.29 -12.61
C GLY D 16 -10.60 -23.36 -11.67
N PHE D 17 -10.02 -23.37 -10.47
CA PHE D 17 -10.45 -24.30 -9.43
C PHE D 17 -11.96 -24.24 -9.27
N GLN D 18 -12.50 -23.02 -9.18
CA GLN D 18 -13.93 -22.83 -9.01
C GLN D 18 -14.73 -23.71 -9.96
N LYS D 19 -14.39 -23.68 -11.26
CA LYS D 19 -15.10 -24.52 -12.20
C LYS D 19 -14.47 -25.90 -12.42
N ASP D 20 -13.19 -26.08 -12.08
CA ASP D 20 -12.66 -27.43 -12.12
C ASP D 20 -13.46 -28.32 -11.18
N VAL D 21 -13.56 -27.88 -9.93
CA VAL D 21 -14.48 -28.45 -8.94
C VAL D 21 -15.77 -28.72 -9.68
N ALA D 22 -16.36 -27.65 -10.22
CA ALA D 22 -17.70 -27.75 -10.78
C ALA D 22 -17.84 -29.01 -11.62
N GLN D 23 -16.93 -29.24 -12.57
CA GLN D 23 -17.22 -30.36 -13.45
C GLN D 23 -16.90 -31.69 -12.81
N VAL D 24 -15.83 -31.80 -12.00
CA VAL D 24 -15.67 -33.05 -11.26
C VAL D 24 -16.90 -33.28 -10.39
N LEU D 25 -17.64 -32.21 -10.08
CA LEU D 25 -18.98 -32.38 -9.55
C LEU D 25 -19.94 -32.69 -10.69
N ALA D 26 -20.09 -31.76 -11.64
CA ALA D 26 -21.04 -31.96 -12.74
C ALA D 26 -20.84 -33.32 -13.39
N ARG D 27 -19.60 -33.65 -13.72
CA ARG D 27 -19.28 -34.99 -14.26
C ARG D 27 -19.99 -36.04 -13.42
N GLN D 28 -19.60 -36.14 -12.15
CA GLN D 28 -20.25 -37.08 -11.24
C GLN D 28 -21.77 -36.97 -11.34
N GLN D 29 -22.29 -35.74 -11.26
CA GLN D 29 -23.73 -35.55 -11.36
C GLN D 29 -24.28 -36.27 -12.59
N ASN D 30 -23.73 -35.96 -13.77
CA ASN D 30 -24.18 -36.62 -14.99
C ASN D 30 -24.10 -38.14 -14.83
N HIS D 31 -22.95 -38.64 -14.37
CA HIS D 31 -22.80 -40.08 -14.15
C HIS D 31 -23.96 -40.60 -13.31
N ALA D 32 -24.24 -39.94 -12.18
CA ALA D 32 -25.35 -40.36 -11.34
C ALA D 32 -26.63 -40.44 -12.15
N ARG D 33 -26.95 -39.36 -12.88
CA ARG D 33 -28.16 -39.35 -13.70
C ARG D 33 -28.19 -40.55 -14.64
N GLN D 34 -27.04 -40.90 -15.22
CA GLN D 34 -27.00 -42.04 -16.12
C GLN D 34 -27.43 -43.32 -15.41
N GLN D 35 -26.94 -43.54 -14.19
CA GLN D 35 -27.20 -44.81 -13.52
C GLN D 35 -28.68 -44.99 -13.23
N LEU D 36 -29.29 -44.01 -12.55
CA LEU D 36 -30.71 -44.09 -12.21
C LEU D 36 -31.53 -44.57 -13.40
N GLN D 37 -31.49 -43.82 -14.50
CA GLN D 37 -32.28 -44.17 -15.68
C GLN D 37 -32.15 -45.65 -16.00
N GLN D 38 -30.91 -46.15 -16.10
CA GLN D 38 -30.70 -47.54 -16.51
C GLN D 38 -31.59 -48.47 -15.72
N PHE D 39 -31.61 -48.31 -14.40
CA PHE D 39 -32.43 -49.19 -13.57
C PHE D 39 -33.90 -49.01 -13.93
N GLN D 40 -34.40 -47.77 -13.84
CA GLN D 40 -35.83 -47.51 -14.01
C GLN D 40 -36.35 -48.24 -15.24
N ALA D 41 -35.84 -47.88 -16.41
CA ALA D 41 -36.23 -48.55 -17.64
C ALA D 41 -36.27 -50.06 -17.44
N GLU D 42 -35.11 -50.66 -17.14
CA GLU D 42 -35.04 -52.11 -16.99
C GLU D 42 -36.12 -52.60 -16.01
N MET D 43 -36.27 -51.92 -14.88
CA MET D 43 -37.33 -52.29 -13.94
C MET D 43 -38.65 -52.46 -14.69
N ARG D 44 -39.12 -51.35 -15.28
CA ARG D 44 -40.35 -51.41 -16.06
C ARG D 44 -40.30 -52.58 -17.04
N GLN D 45 -39.22 -52.69 -17.80
CA GLN D 45 -39.06 -53.85 -18.67
C GLN D 45 -39.32 -55.12 -17.86
N VAL D 46 -38.41 -55.44 -16.94
CA VAL D 46 -38.50 -56.69 -16.19
C VAL D 46 -39.90 -56.88 -15.64
N ALA D 47 -40.63 -55.78 -15.42
CA ALA D 47 -42.02 -55.85 -14.97
C ALA D 47 -42.98 -55.90 -16.16
N LEU D 48 -42.97 -54.85 -16.98
CA LEU D 48 -44.05 -54.63 -17.94
C LEU D 48 -44.23 -55.83 -18.84
N TYR D 49 -43.14 -56.34 -19.42
CA TYR D 49 -43.24 -57.52 -20.27
C TYR D 49 -44.01 -58.64 -19.56
N GLU D 50 -43.57 -59.00 -18.35
CA GLU D 50 -44.23 -60.07 -17.61
C GLU D 50 -45.73 -59.82 -17.50
N ARG D 51 -46.13 -58.56 -17.38
CA ARG D 51 -47.55 -58.23 -17.27
C ARG D 51 -48.27 -58.50 -18.58
N LEU D 52 -47.69 -58.04 -19.70
CA LEU D 52 -48.37 -58.15 -20.98
C LEU D 52 -48.49 -59.61 -21.42
N LEU D 53 -47.38 -60.35 -21.37
CA LEU D 53 -47.37 -61.73 -21.80
C LEU D 53 -47.78 -62.71 -20.71
N GLN D 54 -47.89 -62.26 -19.46
CA GLN D 54 -48.07 -63.17 -18.33
C GLN D 54 -47.02 -64.28 -18.37
N LEU D 55 -45.81 -63.90 -18.77
CA LEU D 55 -44.71 -64.84 -18.98
C LEU D 55 -43.51 -64.35 -18.17
N ARG D 56 -43.07 -65.18 -17.23
CA ARG D 56 -41.91 -64.87 -16.39
C ARG D 56 -40.79 -65.85 -16.70
N VAL D 57 -39.57 -65.31 -16.79
CA VAL D 57 -38.38 -66.11 -17.10
C VAL D 57 -37.55 -66.19 -15.82
N LEU D 58 -37.44 -67.40 -15.28
CA LEU D 58 -36.83 -67.66 -13.99
C LEU D 58 -35.65 -68.62 -14.14
N PRO D 59 -34.71 -68.61 -13.19
CA PRO D 59 -33.70 -69.67 -13.15
C PRO D 59 -34.36 -71.02 -12.93
N GLY D 60 -33.98 -72.00 -13.75
CA GLY D 60 -34.54 -73.33 -13.61
C GLY D 60 -33.98 -74.05 -12.39
N ALA D 61 -34.79 -74.96 -11.85
CA ALA D 61 -34.32 -75.81 -10.77
C ALA D 61 -33.24 -76.78 -11.24
N SER D 62 -33.17 -77.04 -12.54
CA SER D 62 -32.21 -77.99 -13.09
C SER D 62 -30.91 -77.29 -13.47
N ASP D 63 -29.79 -77.96 -13.20
CA ASP D 63 -28.52 -77.54 -13.77
C ASP D 63 -28.56 -77.63 -15.29
N VAL D 64 -29.14 -78.71 -15.82
CA VAL D 64 -29.11 -78.95 -17.26
C VAL D 64 -30.09 -78.03 -17.97
N HIS D 65 -31.35 -78.02 -17.55
CA HIS D 65 -32.35 -77.14 -18.14
C HIS D 65 -32.51 -75.97 -17.16
N ASP D 66 -31.87 -74.85 -17.49
CA ASP D 66 -31.72 -73.75 -16.56
C ASP D 66 -32.67 -72.59 -16.82
N VAL D 67 -33.53 -72.66 -17.84
CA VAL D 67 -34.46 -71.57 -18.11
C VAL D 67 -35.87 -72.08 -17.83
N ARG D 68 -36.51 -71.52 -16.82
CA ARG D 68 -37.90 -71.86 -16.50
C ARG D 68 -38.81 -70.78 -17.05
N PHE D 69 -39.72 -71.17 -17.92
CA PHE D 69 -40.78 -70.29 -18.42
C PHE D 69 -42.03 -70.54 -17.59
N VAL D 70 -42.55 -69.48 -16.96
CA VAL D 70 -43.73 -69.56 -16.10
C VAL D 70 -44.85 -68.76 -16.75
N PHE D 71 -45.99 -69.40 -16.93
CA PHE D 71 -47.17 -68.79 -17.53
C PHE D 71 -48.23 -68.55 -16.47
N GLY D 72 -48.84 -67.38 -16.52
CA GLY D 72 -49.99 -67.08 -15.69
C GLY D 72 -49.64 -66.29 -14.44
N ASP D 73 -50.66 -66.14 -13.59
CA ASP D 73 -50.56 -65.30 -12.41
C ASP D 73 -49.91 -66.02 -11.22
N ASP D 74 -49.80 -67.34 -11.28
CA ASP D 74 -49.18 -68.13 -10.23
C ASP D 74 -48.18 -69.07 -10.88
N SER D 75 -47.68 -70.04 -10.11
CA SER D 75 -46.75 -71.04 -10.60
C SER D 75 -47.46 -72.15 -11.36
N ARG D 76 -48.76 -71.98 -11.59
CA ARG D 76 -49.62 -73.04 -12.12
C ARG D 76 -49.00 -73.76 -13.32
N CYS D 77 -48.50 -73.01 -14.30
CA CYS D 77 -47.91 -73.59 -15.49
C CYS D 77 -46.46 -73.12 -15.62
N TRP D 78 -45.55 -74.07 -15.79
CA TRP D 78 -44.17 -73.72 -16.12
C TRP D 78 -43.50 -74.89 -16.82
N ILE D 79 -42.51 -74.58 -17.65
CA ILE D 79 -41.72 -75.57 -18.37
C ILE D 79 -40.27 -75.13 -18.39
N GLU D 80 -39.36 -76.06 -18.09
CA GLU D 80 -37.93 -75.76 -18.05
C GLU D 80 -37.26 -76.29 -19.31
N VAL D 81 -36.39 -75.48 -19.90
CA VAL D 81 -35.66 -75.84 -21.09
C VAL D 81 -34.18 -75.54 -20.87
N ALA D 82 -33.33 -76.26 -21.59
CA ALA D 82 -31.91 -75.99 -21.55
C ALA D 82 -31.59 -74.82 -22.45
N MET D 83 -30.34 -74.36 -22.36
CA MET D 83 -29.88 -73.30 -23.25
C MET D 83 -29.32 -73.86 -24.56
N HIS D 84 -28.53 -74.94 -24.52
CA HIS D 84 -27.96 -75.53 -25.73
C HIS D 84 -27.86 -77.03 -25.59
N GLY D 85 -28.15 -77.74 -26.67
CA GLY D 85 -27.89 -79.16 -26.75
C GLY D 85 -28.95 -79.85 -27.60
N ASP D 86 -28.85 -81.17 -27.65
CA ASP D 86 -29.88 -81.95 -28.33
C ASP D 86 -31.10 -82.17 -27.44
N HIS D 87 -30.91 -82.24 -26.13
CA HIS D 87 -32.03 -82.39 -25.20
C HIS D 87 -32.32 -81.02 -24.61
N VAL D 88 -33.36 -80.36 -25.13
CA VAL D 88 -33.71 -79.01 -24.70
C VAL D 88 -34.94 -78.95 -23.81
N ILE D 89 -35.67 -80.05 -23.62
CA ILE D 89 -36.92 -80.04 -22.89
C ILE D 89 -36.69 -80.66 -21.52
N GLY D 90 -36.94 -79.88 -20.48
CA GLY D 90 -36.83 -80.35 -19.11
C GLY D 90 -38.13 -80.90 -18.59
N ASN D 91 -38.31 -80.80 -17.28
CA ASN D 91 -39.45 -81.39 -16.59
C ASN D 91 -40.45 -80.29 -16.25
N SER D 92 -41.59 -80.31 -16.93
CA SER D 92 -42.70 -79.43 -16.57
C SER D 92 -43.56 -80.11 -15.51
N HIS D 93 -44.07 -79.32 -14.56
CA HIS D 93 -44.86 -79.87 -13.46
C HIS D 93 -46.18 -80.45 -13.98
N PRO D 94 -46.89 -79.79 -14.90
CA PRO D 94 -48.13 -80.36 -15.43
C PRO D 94 -47.98 -81.74 -16.07
N ALA D 95 -46.76 -82.20 -16.34
CA ALA D 95 -46.50 -83.57 -16.79
C ALA D 95 -47.18 -83.86 -18.14
N LEU D 96 -46.60 -83.25 -19.17
CA LEU D 96 -46.98 -83.58 -20.53
C LEU D 96 -46.44 -84.96 -20.91
N ASP D 97 -47.10 -85.58 -21.88
CA ASP D 97 -46.75 -86.93 -22.32
C ASP D 97 -45.58 -86.89 -23.29
N PRO D 98 -44.95 -88.05 -23.53
CA PRO D 98 -43.76 -88.04 -24.41
C PRO D 98 -44.02 -87.48 -25.80
N LYS D 99 -45.16 -87.79 -26.40
CA LYS D 99 -45.47 -87.26 -27.73
C LYS D 99 -45.42 -85.74 -27.73
N SER D 100 -46.17 -85.11 -26.81
CA SER D 100 -46.17 -83.66 -26.71
C SER D 100 -44.76 -83.12 -26.51
N ARG D 101 -44.01 -83.71 -25.57
CA ARG D 101 -42.65 -83.25 -25.30
C ARG D 101 -41.79 -83.33 -26.55
N ALA D 102 -42.02 -84.34 -27.39
CA ALA D 102 -41.27 -84.46 -28.63
C ALA D 102 -41.64 -83.35 -29.60
N THR D 103 -42.95 -83.07 -29.73
CA THR D 103 -43.38 -81.94 -30.56
C THR D 103 -42.67 -80.66 -30.13
N LEU D 104 -42.76 -80.30 -28.84
CA LEU D 104 -42.09 -79.12 -28.34
C LEU D 104 -40.60 -79.15 -28.68
N GLU D 105 -39.94 -80.26 -28.35
CA GLU D 105 -38.51 -80.39 -28.63
C GLU D 105 -38.21 -80.08 -30.09
N HIS D 106 -39.08 -80.50 -31.00
CA HIS D 106 -38.83 -80.25 -32.42
C HIS D 106 -39.11 -78.80 -32.78
N VAL D 107 -40.03 -78.14 -32.09
CA VAL D 107 -40.21 -76.71 -32.31
C VAL D 107 -38.96 -75.95 -31.91
N LEU D 108 -38.32 -76.35 -30.81
CA LEU D 108 -37.14 -75.61 -30.35
C LEU D 108 -35.89 -75.97 -31.16
N THR D 109 -35.60 -77.26 -31.33
CA THR D 109 -34.33 -77.67 -31.91
C THR D 109 -34.33 -77.54 -33.43
N VAL D 110 -35.41 -77.96 -34.08
CA VAL D 110 -35.45 -78.03 -35.54
C VAL D 110 -35.92 -76.70 -36.09
N GLN D 111 -37.16 -76.32 -35.78
CA GLN D 111 -37.67 -75.04 -36.25
C GLN D 111 -36.85 -73.88 -35.71
N GLY D 112 -36.19 -74.07 -34.56
CA GLY D 112 -35.47 -72.97 -33.94
C GLY D 112 -36.32 -71.75 -33.71
N ASP D 113 -37.64 -71.92 -33.58
CA ASP D 113 -38.57 -70.83 -33.39
C ASP D 113 -39.04 -70.88 -31.94
N LEU D 114 -38.61 -69.90 -31.14
CA LEU D 114 -38.96 -69.93 -29.74
C LEU D 114 -40.38 -69.43 -29.50
N ALA D 115 -40.78 -68.33 -30.16
CA ALA D 115 -42.14 -67.84 -29.99
C ALA D 115 -43.15 -68.95 -30.24
N ALA D 116 -42.95 -69.72 -31.30
CA ALA D 116 -43.81 -70.87 -31.57
C ALA D 116 -43.77 -71.86 -30.42
N PHE D 117 -42.56 -72.16 -29.92
CA PHE D 117 -42.43 -73.10 -28.81
C PHE D 117 -43.24 -72.64 -27.61
N LEU D 118 -43.19 -71.34 -27.29
CA LEU D 118 -43.93 -70.83 -26.15
C LEU D 118 -45.43 -70.82 -26.40
N VAL D 119 -45.84 -70.62 -27.65
CA VAL D 119 -47.27 -70.73 -27.98
C VAL D 119 -47.76 -72.14 -27.73
N VAL D 120 -47.10 -73.13 -28.35
CA VAL D 120 -47.54 -74.51 -28.23
C VAL D 120 -47.46 -74.96 -26.77
N ALA D 121 -46.34 -74.68 -26.11
CA ALA D 121 -46.18 -75.08 -24.72
C ALA D 121 -47.24 -74.44 -23.84
N ARG D 122 -47.54 -73.17 -24.06
CA ARG D 122 -48.58 -72.50 -23.29
C ARG D 122 -49.93 -73.18 -23.49
N ASP D 123 -50.28 -73.45 -24.75
CA ASP D 123 -51.55 -74.12 -25.04
C ASP D 123 -51.62 -75.47 -24.35
N MET D 124 -50.58 -76.28 -24.47
CA MET D 124 -50.58 -77.61 -23.89
C MET D 124 -50.69 -77.55 -22.37
N LEU D 125 -49.86 -76.72 -21.73
CA LEU D 125 -49.86 -76.65 -20.28
C LEU D 125 -51.18 -76.13 -19.74
N LEU D 126 -51.73 -75.08 -20.37
CA LEU D 126 -53.04 -74.59 -19.95
C LEU D 126 -54.11 -75.66 -20.13
N ALA D 127 -54.05 -76.40 -21.24
CA ALA D 127 -55.02 -77.47 -21.47
C ALA D 127 -54.84 -78.63 -20.51
N SER D 128 -53.67 -78.75 -19.87
CA SER D 128 -53.39 -79.83 -18.94
C SER D 128 -53.80 -79.51 -17.51
N LEU D 129 -54.19 -78.28 -17.22
CA LEU D 129 -54.59 -77.90 -15.87
C LEU D 129 -55.90 -78.58 -15.47
N VAL E 3 -26.62 4.48 8.71
CA VAL E 3 -26.74 3.48 7.66
C VAL E 3 -28.20 3.32 7.26
N GLN E 4 -28.44 3.08 5.97
CA GLN E 4 -29.76 2.85 5.44
C GLN E 4 -29.83 1.44 4.87
N LEU E 5 -30.90 0.72 5.19
CA LEU E 5 -31.12 -0.63 4.69
C LEU E 5 -32.34 -0.62 3.76
N VAL E 6 -32.11 -0.86 2.48
CA VAL E 6 -33.14 -0.79 1.46
C VAL E 6 -33.54 -2.21 1.08
N GLU E 7 -34.77 -2.57 1.40
CA GLU E 7 -35.30 -3.91 1.13
C GLU E 7 -36.13 -3.91 -0.16
N SER E 8 -36.07 -5.03 -0.87
CA SER E 8 -36.86 -5.20 -2.09
C SER E 8 -37.11 -6.68 -2.33
N GLY E 9 -38.10 -6.97 -3.17
CA GLY E 9 -38.33 -8.31 -3.67
C GLY E 9 -39.50 -9.07 -3.05
N GLY E 10 -40.35 -8.44 -2.25
CA GLY E 10 -41.44 -9.12 -1.58
C GLY E 10 -42.71 -9.14 -2.41
N GLY E 11 -43.84 -9.11 -1.72
CA GLY E 11 -45.15 -9.08 -2.35
C GLY E 11 -45.91 -10.40 -2.27
N LEU E 12 -46.96 -10.47 -3.08
CA LEU E 12 -47.84 -11.63 -3.15
C LEU E 12 -47.27 -12.64 -4.14
N VAL E 13 -47.15 -13.89 -3.71
CA VAL E 13 -46.54 -14.96 -4.50
C VAL E 13 -47.35 -16.23 -4.33
N HIS E 14 -47.36 -17.05 -5.38
CA HIS E 14 -48.04 -18.33 -5.37
C HIS E 14 -47.22 -19.37 -4.61
N PRO E 15 -47.87 -20.42 -4.10
CA PRO E 15 -47.13 -21.44 -3.36
C PRO E 15 -46.43 -22.40 -4.31
N GLY E 16 -45.34 -22.98 -3.82
CA GLY E 16 -44.48 -23.78 -4.65
C GLY E 16 -43.57 -22.99 -5.57
N GLY E 17 -43.75 -21.67 -5.64
CA GLY E 17 -42.87 -20.82 -6.41
C GLY E 17 -41.60 -20.49 -5.64
N SER E 18 -40.85 -19.53 -6.20
CA SER E 18 -39.60 -19.08 -5.60
C SER E 18 -39.62 -17.56 -5.47
N LEU E 19 -38.77 -17.08 -4.58
CA LEU E 19 -38.73 -15.66 -4.25
C LEU E 19 -37.32 -15.31 -3.79
N ARG E 20 -36.89 -14.08 -4.06
CA ARG E 20 -35.60 -13.59 -3.56
C ARG E 20 -35.78 -12.19 -3.00
N LEU E 21 -35.44 -12.03 -1.72
CA LEU E 21 -35.42 -10.72 -1.07
C LEU E 21 -34.00 -10.17 -1.09
N SER E 22 -33.89 -8.88 -1.37
CA SER E 22 -32.62 -8.17 -1.40
C SER E 22 -32.63 -7.07 -0.36
N CYS E 23 -31.47 -6.84 0.25
CA CYS E 23 -31.32 -5.71 1.17
C CYS E 23 -29.96 -5.06 0.91
N ALA E 24 -29.97 -3.77 0.59
CA ALA E 24 -28.77 -3.02 0.25
C ALA E 24 -28.46 -2.02 1.36
N ALA E 25 -27.23 -2.04 1.85
CA ALA E 25 -26.78 -1.11 2.88
C ALA E 25 -26.09 0.07 2.22
N SER E 26 -26.43 1.29 2.66
CA SER E 26 -25.82 2.50 2.16
C SER E 26 -25.49 3.41 3.33
N GLY E 27 -24.66 4.42 3.06
CA GLY E 27 -24.24 5.35 4.08
C GLY E 27 -22.91 4.99 4.70
N HIS E 33 -20.67 -5.24 9.63
CA HIS E 33 -20.08 -6.55 9.37
C HIS E 33 -21.14 -7.53 8.88
N ALA E 34 -21.90 -8.09 9.80
CA ALA E 34 -22.91 -9.09 9.47
C ALA E 34 -24.17 -8.43 8.93
N VAL E 35 -24.83 -9.15 8.02
CA VAL E 35 -26.13 -8.72 7.50
C VAL E 35 -27.01 -9.95 7.43
N ALA E 36 -28.31 -9.77 7.67
CA ALA E 36 -29.13 -10.90 8.07
C ALA E 36 -30.61 -10.57 7.88
N TRP E 37 -31.44 -11.58 8.17
CA TRP E 37 -32.88 -11.49 8.03
C TRP E 37 -33.56 -12.04 9.28
N PHE E 38 -34.56 -11.29 9.75
CA PHE E 38 -35.58 -11.76 10.68
C PHE E 38 -36.92 -11.79 9.95
N ARG E 39 -37.94 -12.28 10.63
CA ARG E 39 -39.28 -12.29 10.06
C ARG E 39 -40.30 -12.29 11.19
N GLN E 40 -41.49 -11.77 10.89
CA GLN E 40 -42.60 -11.75 11.84
C GLN E 40 -43.84 -12.25 11.12
N ALA E 41 -44.34 -13.41 11.53
CA ALA E 41 -45.57 -13.92 10.97
C ALA E 41 -46.76 -13.17 11.58
N PRO E 42 -47.91 -13.16 10.90
CA PRO E 42 -49.05 -12.40 11.43
C PRO E 42 -49.39 -12.84 12.83
N GLY E 43 -49.46 -11.87 13.75
CA GLY E 43 -49.81 -12.15 15.12
C GLY E 43 -48.76 -12.88 15.93
N LYS E 44 -47.55 -13.05 15.41
CA LYS E 44 -46.50 -13.75 16.14
C LYS E 44 -45.37 -12.80 16.49
N GLU E 45 -44.41 -13.32 17.25
CA GLU E 45 -43.22 -12.57 17.61
C GLU E 45 -42.18 -12.64 16.50
N ARG E 46 -41.31 -11.61 16.45
CA ARG E 46 -40.20 -11.63 15.51
C ARG E 46 -39.35 -12.87 15.73
N ASP E 47 -38.91 -13.48 14.63
CA ASP E 47 -38.11 -14.69 14.67
C ASP E 47 -36.85 -14.51 13.84
N PHE E 48 -35.73 -14.95 14.40
CA PHE E 48 -34.46 -14.88 13.69
C PHE E 48 -34.47 -15.89 12.55
N VAL E 49 -34.29 -15.39 11.31
CA VAL E 49 -34.22 -16.28 10.16
C VAL E 49 -32.78 -16.75 10.05
N ALA E 50 -31.87 -15.84 9.70
CA ALA E 50 -30.48 -16.27 9.58
C ALA E 50 -29.60 -15.09 9.19
N SER E 51 -28.29 -15.26 9.35
CA SER E 51 -27.35 -14.17 9.13
C SER E 51 -26.15 -14.67 8.34
N ILE E 52 -25.48 -13.74 7.68
CA ILE E 52 -24.19 -13.99 7.05
C ILE E 52 -23.24 -12.86 7.43
N ASN E 53 -22.08 -13.22 7.98
CA ASN E 53 -21.05 -12.24 8.27
C ASN E 53 -20.41 -11.76 6.97
N ALA E 54 -19.69 -10.64 7.07
CA ALA E 54 -19.01 -10.09 5.90
C ALA E 54 -18.21 -11.14 5.15
N VAL E 55 -17.78 -12.18 5.86
CA VAL E 55 -16.94 -13.22 5.26
C VAL E 55 -17.69 -14.39 4.66
N GLY E 56 -18.95 -14.58 5.00
CA GLY E 56 -19.66 -15.78 4.64
C GLY E 56 -19.88 -16.81 5.73
N LEU E 57 -19.68 -16.47 7.01
CA LEU E 57 -20.17 -17.34 8.06
C LEU E 57 -21.68 -17.32 8.04
N VAL E 58 -22.30 -18.48 7.85
CA VAL E 58 -23.75 -18.59 7.75
C VAL E 58 -24.27 -19.27 9.01
N ARG E 59 -25.25 -18.65 9.65
CA ARG E 59 -25.88 -19.20 10.84
C ARG E 59 -27.37 -19.07 10.70
N ASN E 60 -28.07 -20.19 10.68
CA ASN E 60 -29.52 -20.20 10.53
C ASN E 60 -30.21 -20.58 11.84
N VAL E 65 -35.22 -23.04 10.55
CA VAL E 65 -34.99 -22.75 9.14
C VAL E 65 -34.34 -23.97 8.47
N LEU E 66 -34.83 -24.30 7.27
CA LEU E 66 -34.36 -25.48 6.54
C LEU E 66 -33.91 -25.13 5.13
N GLY E 67 -33.62 -26.15 4.32
CA GLY E 67 -32.97 -25.95 3.03
C GLY E 67 -33.77 -25.12 2.05
N ARG E 68 -35.04 -24.82 2.33
CA ARG E 68 -35.81 -23.98 1.43
C ARG E 68 -35.36 -22.53 1.47
N PHE E 69 -34.69 -22.11 2.54
CA PHE E 69 -34.18 -20.76 2.69
C PHE E 69 -32.66 -20.78 2.55
N SER E 70 -32.12 -19.86 1.76
CA SER E 70 -30.67 -19.75 1.57
C SER E 70 -30.29 -18.28 1.56
N ILE E 71 -29.35 -17.90 2.42
CA ILE E 71 -28.88 -16.52 2.48
C ILE E 71 -27.55 -16.42 1.76
N SER E 72 -27.32 -15.29 1.10
CA SER E 72 -26.04 -15.02 0.45
C SER E 72 -25.75 -13.53 0.58
N ARG E 73 -24.58 -13.12 0.09
CA ARG E 73 -24.21 -11.71 0.10
C ARG E 73 -23.31 -11.41 -1.08
N ASP E 74 -23.47 -10.19 -1.61
CA ASP E 74 -22.50 -9.57 -2.51
C ASP E 74 -21.90 -8.39 -1.74
N PHE E 75 -20.62 -8.52 -1.37
CA PHE E 75 -19.96 -7.50 -0.57
C PHE E 75 -19.67 -6.25 -1.39
N ALA E 76 -19.32 -6.43 -2.67
CA ALA E 76 -19.07 -5.28 -3.53
C ALA E 76 -20.33 -4.41 -3.67
N LYS E 77 -21.51 -5.01 -3.61
CA LYS E 77 -22.76 -4.27 -3.65
C LYS E 77 -23.31 -3.96 -2.27
N ASN E 78 -22.69 -4.46 -1.20
CA ASN E 78 -23.19 -4.27 0.16
C ASN E 78 -24.63 -4.79 0.28
N GLU E 79 -24.89 -5.95 -0.32
CA GLU E 79 -26.24 -6.47 -0.41
C GLU E 79 -26.32 -7.90 0.13
N VAL E 80 -27.39 -8.19 0.87
CA VAL E 80 -27.68 -9.53 1.35
C VAL E 80 -28.93 -10.03 0.63
N TYR E 81 -29.00 -11.35 0.46
CA TYR E 81 -30.10 -11.98 -0.26
C TYR E 81 -30.67 -13.14 0.56
N LEU E 82 -32.00 -13.24 0.56
CA LEU E 82 -32.72 -14.39 1.12
C LEU E 82 -33.52 -15.04 0.01
N GLN E 83 -33.14 -16.25 -0.38
CA GLN E 83 -33.81 -17.00 -1.42
C GLN E 83 -34.70 -18.06 -0.79
N MET E 84 -35.99 -18.06 -1.18
CA MET E 84 -36.95 -19.05 -0.73
C MET E 84 -37.43 -19.86 -1.94
N ASN E 85 -37.50 -21.18 -1.77
CA ASN E 85 -37.96 -22.08 -2.81
C ASN E 85 -39.17 -22.86 -2.35
N SER E 86 -40.01 -23.25 -3.31
CA SER E 86 -41.19 -24.07 -3.03
C SER E 86 -42.00 -23.46 -1.87
N LEU E 87 -42.38 -22.20 -2.07
CA LEU E 87 -42.96 -21.39 -1.00
C LEU E 87 -44.15 -22.08 -0.36
N GLU E 88 -44.31 -21.87 0.94
CA GLU E 88 -45.32 -22.50 1.77
C GLU E 88 -46.17 -21.42 2.45
N PRO E 89 -47.37 -21.77 2.93
CA PRO E 89 -48.21 -20.73 3.56
C PRO E 89 -47.65 -20.24 4.87
N GLU E 90 -46.85 -21.05 5.56
CA GLU E 90 -46.21 -20.61 6.79
C GLU E 90 -45.12 -19.58 6.55
N ASP E 91 -44.73 -19.35 5.29
CA ASP E 91 -43.70 -18.36 4.99
C ASP E 91 -44.25 -16.93 5.00
N THR E 92 -45.57 -16.77 4.92
CA THR E 92 -46.16 -15.44 4.96
C THR E 92 -45.72 -14.71 6.22
N ALA E 93 -45.16 -13.51 6.05
CA ALA E 93 -44.63 -12.75 7.17
C ALA E 93 -44.02 -11.45 6.65
N VAL E 94 -43.67 -10.57 7.59
CA VAL E 94 -42.91 -9.36 7.29
C VAL E 94 -41.44 -9.67 7.53
N TYR E 95 -40.63 -9.60 6.48
CA TYR E 95 -39.23 -9.97 6.55
C TYR E 95 -38.37 -8.72 6.71
N TYR E 96 -37.63 -8.64 7.81
CA TYR E 96 -36.85 -7.45 8.15
C TYR E 96 -35.38 -7.72 7.94
N CYS E 97 -34.72 -6.82 7.19
CA CYS E 97 -33.28 -6.83 7.06
C CYS E 97 -32.66 -6.25 8.32
N ALA E 98 -31.51 -6.79 8.72
CA ALA E 98 -30.80 -6.29 9.89
C ALA E 98 -29.30 -6.36 9.65
N ALA E 99 -28.58 -5.40 10.24
CA ALA E 99 -27.13 -5.33 10.11
C ALA E 99 -26.55 -4.85 11.43
N ARG E 100 -25.36 -5.36 11.75
CA ARG E 100 -24.70 -5.04 13.01
C ARG E 100 -23.23 -4.76 12.74
N TYR E 101 -22.60 -4.07 13.68
CA TYR E 101 -21.15 -3.88 13.65
C TYR E 101 -20.39 -5.08 14.19
N TYR E 102 -21.09 -6.12 14.64
CA TYR E 102 -20.44 -7.32 15.15
C TYR E 102 -20.41 -8.43 14.11
N TYR E 115 -29.36 -4.88 18.11
CA TYR E 115 -28.93 -4.74 16.73
C TYR E 115 -29.08 -3.29 16.28
N ASP E 116 -28.03 -2.77 15.64
CA ASP E 116 -27.91 -1.33 15.45
C ASP E 116 -28.71 -0.81 14.27
N TYR E 117 -28.99 -1.65 13.26
CA TYR E 117 -29.68 -1.19 12.07
C TYR E 117 -30.74 -2.19 11.64
N TRP E 118 -31.89 -1.67 11.22
CA TRP E 118 -33.02 -2.48 10.83
C TRP E 118 -33.67 -1.88 9.59
N GLY E 119 -34.17 -2.75 8.71
CA GLY E 119 -35.01 -2.30 7.62
C GLY E 119 -36.44 -2.10 8.07
N GLN E 120 -37.22 -1.43 7.21
CA GLN E 120 -38.62 -1.18 7.53
C GLN E 120 -39.49 -2.42 7.41
N GLY E 121 -38.98 -3.49 6.80
CA GLY E 121 -39.73 -4.71 6.62
C GLY E 121 -40.31 -4.82 5.23
N THR E 122 -40.41 -6.06 4.75
CA THR E 122 -40.92 -6.35 3.41
C THR E 122 -41.99 -7.43 3.54
N GLN E 123 -43.21 -7.09 3.13
CA GLN E 123 -44.30 -8.06 3.16
C GLN E 123 -44.00 -9.22 2.23
N VAL E 124 -44.30 -10.42 2.70
CA VAL E 124 -44.30 -11.63 1.87
C VAL E 124 -45.59 -12.36 2.15
N THR E 125 -46.42 -12.52 1.12
CA THR E 125 -47.72 -13.19 1.26
C THR E 125 -47.77 -14.37 0.31
N VAL E 126 -47.86 -15.57 0.87
CA VAL E 126 -47.96 -16.80 0.09
C VAL E 126 -49.43 -17.16 -0.03
N SER E 127 -49.95 -17.13 -1.25
CA SER E 127 -51.35 -17.46 -1.48
C SER E 127 -51.49 -18.97 -1.60
N SER E 128 -52.30 -19.58 -0.73
CA SER E 128 -52.50 -21.03 -0.73
C SER E 128 -52.72 -21.57 -2.14
#